data_6DNY
# 
_entry.id   6DNY 
# 
_audit_conform.dict_name       mmcif_pdbx.dic 
_audit_conform.dict_version    5.398 
_audit_conform.dict_location   http://mmcif.pdb.org/dictionaries/ascii/mmcif_pdbx.dic 
# 
loop_
_database_2.database_id 
_database_2.database_code 
_database_2.pdbx_database_accession 
_database_2.pdbx_DOI 
PDB   6DNY         pdb_00006dny 10.2210/pdb6dny/pdb 
WWPDB D_1000234950 ?            ?                   
BMRB  30476        ?            10.13018/BMR30476   
# 
loop_
_pdbx_audit_revision_history.ordinal 
_pdbx_audit_revision_history.data_content_type 
_pdbx_audit_revision_history.major_revision 
_pdbx_audit_revision_history.minor_revision 
_pdbx_audit_revision_history.revision_date 
1 'Structure model' 1 0 2019-06-12 
2 'Structure model' 1 1 2019-12-18 
3 'Structure model' 1 2 2023-06-14 
4 'Structure model' 1 3 2024-11-06 
# 
_pdbx_audit_revision_details.ordinal             1 
_pdbx_audit_revision_details.revision_ordinal    1 
_pdbx_audit_revision_details.data_content_type   'Structure model' 
_pdbx_audit_revision_details.provider            repository 
_pdbx_audit_revision_details.type                'Initial release' 
_pdbx_audit_revision_details.description         ? 
_pdbx_audit_revision_details.details             ? 
# 
loop_
_pdbx_audit_revision_group.ordinal 
_pdbx_audit_revision_group.revision_ordinal 
_pdbx_audit_revision_group.data_content_type 
_pdbx_audit_revision_group.group 
1 2 'Structure model' 'Author supporting evidence' 
2 3 'Structure model' 'Database references'        
3 3 'Structure model' Other                        
4 4 'Structure model' 'Data collection'            
5 4 'Structure model' 'Database references'        
6 4 'Structure model' 'Structure summary'          
# 
loop_
_pdbx_audit_revision_category.ordinal 
_pdbx_audit_revision_category.revision_ordinal 
_pdbx_audit_revision_category.data_content_type 
_pdbx_audit_revision_category.category 
1 2 'Structure model' pdbx_audit_support        
2 3 'Structure model' database_2                
3 3 'Structure model' pdbx_database_status      
4 4 'Structure model' chem_comp_atom            
5 4 'Structure model' chem_comp_bond            
6 4 'Structure model' database_2                
7 4 'Structure model' pdbx_entry_details        
8 4 'Structure model' pdbx_modification_feature 
# 
loop_
_pdbx_audit_revision_item.ordinal 
_pdbx_audit_revision_item.revision_ordinal 
_pdbx_audit_revision_item.data_content_type 
_pdbx_audit_revision_item.item 
1 2 'Structure model' '_pdbx_audit_support.funding_organization'   
2 3 'Structure model' '_database_2.pdbx_DOI'                       
3 3 'Structure model' '_database_2.pdbx_database_accession'        
4 3 'Structure model' '_pdbx_database_status.status_code_nmr_data' 
5 4 'Structure model' '_database_2.pdbx_DOI'                       
# 
_pdbx_database_status.status_code                     REL 
_pdbx_database_status.status_code_sf                  ? 
_pdbx_database_status.status_code_mr                  REL 
_pdbx_database_status.entry_id                        6DNY 
_pdbx_database_status.recvd_initial_deposition_date   2018-06-08 
_pdbx_database_status.SG_entry                        N 
_pdbx_database_status.deposit_site                    RCSB 
_pdbx_database_status.process_site                    RCSB 
_pdbx_database_status.status_code_cs                  REL 
_pdbx_database_status.methods_development_category    CASD-NMR 
_pdbx_database_status.pdb_format_compatible           Y 
_pdbx_database_status.status_code_nmr_data            REL 
# 
_pdbx_database_related.db_name        BMRB 
_pdbx_database_related.details        'Solution structure of the cyclic tetrapeptide, PYPV' 
_pdbx_database_related.db_id          30476 
_pdbx_database_related.content_type   unspecified 
# 
loop_
_audit_author.name 
_audit_author.pdbx_ordinal 
_audit_author.identifier_ORCID 
'Shekhtman, A.' 1 ? 
'Breindel, L.'  2 ? 
'Zhang, Q.'     3 ? 
'Chen, H.'      4 ? 
# 
_citation.abstract                  ? 
_citation.abstract_id_CAS           ? 
_citation.book_id_ISBN              ? 
_citation.book_publisher            ? 
_citation.book_publisher_city       ? 
_citation.book_title                ? 
_citation.coordinate_linkage        ? 
_citation.country                   ? 
_citation.database_id_Medline       ? 
_citation.details                   ? 
_citation.id                        primary 
_citation.journal_abbrev            'To Be Published' 
_citation.journal_id_ASTM           ? 
_citation.journal_id_CSD            0353 
_citation.journal_id_ISSN           ? 
_citation.journal_full              ? 
_citation.journal_issue             ? 
_citation.journal_volume            ? 
_citation.language                  ? 
_citation.page_first                ? 
_citation.page_last                 ? 
_citation.title                     'Solution structure of the cyclic tetrapeptide, PYPV.' 
_citation.year                      ? 
_citation.database_id_CSD           ? 
_citation.pdbx_database_id_DOI      ? 
_citation.pdbx_database_id_PubMed   ? 
_citation.unpublished_flag          ? 
# 
loop_
_citation_author.citation_id 
_citation_author.name 
_citation_author.ordinal 
_citation_author.identifier_ORCID 
primary 'Shekhtman, A.' 1 ? 
primary 'Breindel, L.'  2 ? 
primary 'Zhang, Q.'     3 ? 
primary 'Chen, H.'      4 ? 
# 
_entity.id                         1 
_entity.type                       polymer 
_entity.src_method                 syn 
_entity.pdbx_description           'Cyclic tetrapeptide PYPV' 
_entity.formula_weight             474.549 
_entity.pdbx_number_of_molecules   1 
_entity.pdbx_ec                    ? 
_entity.pdbx_mutation              ? 
_entity.pdbx_fragment              ? 
_entity.details                    ? 
# 
_entity_poly.entity_id                      1 
_entity_poly.type                           'polypeptide(L)' 
_entity_poly.nstd_linkage                   no 
_entity_poly.nstd_monomer                   no 
_entity_poly.pdbx_seq_one_letter_code       PYPV 
_entity_poly.pdbx_seq_one_letter_code_can   PYPV 
_entity_poly.pdbx_strand_id                 A 
_entity_poly.pdbx_target_identifier         ? 
# 
loop_
_entity_poly_seq.entity_id 
_entity_poly_seq.num 
_entity_poly_seq.mon_id 
_entity_poly_seq.hetero 
1 1 PRO n 
1 2 TYR n 
1 3 PRO n 
1 4 VAL n 
# 
_pdbx_entity_src_syn.entity_id              1 
_pdbx_entity_src_syn.pdbx_src_id            1 
_pdbx_entity_src_syn.pdbx_alt_source_flag   sample 
_pdbx_entity_src_syn.pdbx_beg_seq_num       1 
_pdbx_entity_src_syn.pdbx_end_seq_num       4 
_pdbx_entity_src_syn.organism_scientific    'Lactobacillus helveticus' 
_pdbx_entity_src_syn.organism_common_name   ? 
_pdbx_entity_src_syn.ncbi_taxonomy_id       1587 
_pdbx_entity_src_syn.details                ? 
# 
loop_
_chem_comp.id 
_chem_comp.type 
_chem_comp.mon_nstd_flag 
_chem_comp.name 
_chem_comp.pdbx_synonyms 
_chem_comp.formula 
_chem_comp.formula_weight 
PRO 'L-peptide linking' y PROLINE  ? 'C5 H9 N O2'  115.130 
TYR 'L-peptide linking' y TYROSINE ? 'C9 H11 N O3' 181.189 
VAL 'L-peptide linking' y VALINE   ? 'C5 H11 N O2' 117.146 
# 
loop_
_pdbx_poly_seq_scheme.asym_id 
_pdbx_poly_seq_scheme.entity_id 
_pdbx_poly_seq_scheme.seq_id 
_pdbx_poly_seq_scheme.mon_id 
_pdbx_poly_seq_scheme.ndb_seq_num 
_pdbx_poly_seq_scheme.pdb_seq_num 
_pdbx_poly_seq_scheme.auth_seq_num 
_pdbx_poly_seq_scheme.pdb_mon_id 
_pdbx_poly_seq_scheme.auth_mon_id 
_pdbx_poly_seq_scheme.pdb_strand_id 
_pdbx_poly_seq_scheme.pdb_ins_code 
_pdbx_poly_seq_scheme.hetero 
A 1 1 PRO 1 1 1 PRO PRO A . n 
A 1 2 TYR 2 2 2 TYR TYR A . n 
A 1 3 PRO 3 3 3 PRO PRO A . n 
A 1 4 VAL 4 4 4 VAL VAL A . n 
# 
_exptl.absorpt_coefficient_mu     ? 
_exptl.absorpt_correction_T_max   ? 
_exptl.absorpt_correction_T_min   ? 
_exptl.absorpt_correction_type    ? 
_exptl.absorpt_process_details    ? 
_exptl.entry_id                   6DNY 
_exptl.crystals_number            ? 
_exptl.details                    ? 
_exptl.method                     'SOLUTION NMR' 
_exptl.method_details             ? 
# 
_struct.entry_id                     6DNY 
_struct.title                        'Solution structure of the cyclic tetrapeptide, PYPV' 
_struct.pdbx_model_details           ? 
_struct.pdbx_formula_weight          ? 
_struct.pdbx_formula_weight_method   ? 
_struct.pdbx_model_type_details      ? 
_struct.pdbx_CASP_flag               N 
# 
_struct_keywords.entry_id        6DNY 
_struct_keywords.text            'Inhibitor, Tyrosinase, PROTEIN BINDING' 
_struct_keywords.pdbx_keywords   'PROTEIN BINDING' 
# 
_struct_asym.id                            A 
_struct_asym.pdbx_blank_PDB_chainid_flag   N 
_struct_asym.pdbx_modified                 N 
_struct_asym.entity_id                     1 
_struct_asym.details                       ? 
# 
_struct_ref.id                         1 
_struct_ref.db_name                    PDB 
_struct_ref.db_code                    6DNY 
_struct_ref.pdbx_db_accession          6DNY 
_struct_ref.pdbx_db_isoform            ? 
_struct_ref.entity_id                  1 
_struct_ref.pdbx_seq_one_letter_code   ? 
_struct_ref.pdbx_align_begin           1 
# 
_struct_ref_seq.align_id                      1 
_struct_ref_seq.ref_id                        1 
_struct_ref_seq.pdbx_PDB_id_code              6DNY 
_struct_ref_seq.pdbx_strand_id                A 
_struct_ref_seq.seq_align_beg                 1 
_struct_ref_seq.pdbx_seq_align_beg_ins_code   ? 
_struct_ref_seq.seq_align_end                 4 
_struct_ref_seq.pdbx_seq_align_end_ins_code   ? 
_struct_ref_seq.pdbx_db_accession             6DNY 
_struct_ref_seq.db_align_beg                  1 
_struct_ref_seq.pdbx_db_align_beg_ins_code    ? 
_struct_ref_seq.db_align_end                  4 
_struct_ref_seq.pdbx_db_align_end_ins_code    ? 
_struct_ref_seq.pdbx_auth_seq_align_beg       1 
_struct_ref_seq.pdbx_auth_seq_align_end       4 
# 
_pdbx_struct_assembly.id                   1 
_pdbx_struct_assembly.details              author_defined_assembly 
_pdbx_struct_assembly.method_details       ? 
_pdbx_struct_assembly.oligomeric_details   monomeric 
_pdbx_struct_assembly.oligomeric_count     1 
# 
loop_
_pdbx_struct_assembly_prop.biol_id 
_pdbx_struct_assembly_prop.type 
_pdbx_struct_assembly_prop.value 
_pdbx_struct_assembly_prop.details 
1 'ABSA (A^2)' 0   ? 
1 MORE         0   ? 
1 'SSA (A^2)'  630 ? 
# 
_pdbx_struct_assembly_gen.assembly_id       1 
_pdbx_struct_assembly_gen.oper_expression   1 
_pdbx_struct_assembly_gen.asym_id_list      A 
# 
_pdbx_struct_assembly_auth_evidence.id                     1 
_pdbx_struct_assembly_auth_evidence.assembly_id            1 
_pdbx_struct_assembly_auth_evidence.experimental_support   'gel filtration' 
_pdbx_struct_assembly_auth_evidence.details                ? 
# 
_pdbx_struct_oper_list.id                   1 
_pdbx_struct_oper_list.type                 'identity operation' 
_pdbx_struct_oper_list.name                 1_555 
_pdbx_struct_oper_list.symmetry_operation   ? 
_pdbx_struct_oper_list.matrix[1][1]         1.0000000000 
_pdbx_struct_oper_list.matrix[1][2]         0.0000000000 
_pdbx_struct_oper_list.matrix[1][3]         0.0000000000 
_pdbx_struct_oper_list.vector[1]            0.0000000000 
_pdbx_struct_oper_list.matrix[2][1]         0.0000000000 
_pdbx_struct_oper_list.matrix[2][2]         1.0000000000 
_pdbx_struct_oper_list.matrix[2][3]         0.0000000000 
_pdbx_struct_oper_list.vector[2]            0.0000000000 
_pdbx_struct_oper_list.matrix[3][1]         0.0000000000 
_pdbx_struct_oper_list.matrix[3][2]         0.0000000000 
_pdbx_struct_oper_list.matrix[3][3]         1.0000000000 
_pdbx_struct_oper_list.vector[3]            0.0000000000 
# 
_struct_conn.id                            covale1 
_struct_conn.conn_type_id                  covale 
_struct_conn.pdbx_leaving_atom_flag        both 
_struct_conn.pdbx_PDB_id                   ? 
_struct_conn.ptnr1_label_asym_id           A 
_struct_conn.ptnr1_label_comp_id           PRO 
_struct_conn.ptnr1_label_seq_id            1 
_struct_conn.ptnr1_label_atom_id           N 
_struct_conn.pdbx_ptnr1_label_alt_id       ? 
_struct_conn.pdbx_ptnr1_PDB_ins_code       ? 
_struct_conn.pdbx_ptnr1_standard_comp_id   ? 
_struct_conn.ptnr1_symmetry                1_555 
_struct_conn.ptnr2_label_asym_id           A 
_struct_conn.ptnr2_label_comp_id           VAL 
_struct_conn.ptnr2_label_seq_id            4 
_struct_conn.ptnr2_label_atom_id           C 
_struct_conn.pdbx_ptnr2_label_alt_id       ? 
_struct_conn.pdbx_ptnr2_PDB_ins_code       ? 
_struct_conn.ptnr1_auth_asym_id            A 
_struct_conn.ptnr1_auth_comp_id            PRO 
_struct_conn.ptnr1_auth_seq_id             1 
_struct_conn.ptnr2_auth_asym_id            A 
_struct_conn.ptnr2_auth_comp_id            VAL 
_struct_conn.ptnr2_auth_seq_id             4 
_struct_conn.ptnr2_symmetry                1_555 
_struct_conn.pdbx_ptnr3_label_atom_id      ? 
_struct_conn.pdbx_ptnr3_label_seq_id       ? 
_struct_conn.pdbx_ptnr3_label_comp_id      ? 
_struct_conn.pdbx_ptnr3_label_asym_id      ? 
_struct_conn.pdbx_ptnr3_label_alt_id       ? 
_struct_conn.pdbx_ptnr3_PDB_ins_code       ? 
_struct_conn.details                       ? 
_struct_conn.pdbx_dist_value               1.514 
_struct_conn.pdbx_value_order              sing 
_struct_conn.pdbx_role                     ? 
# 
_struct_conn_type.id          covale 
_struct_conn_type.criteria    ? 
_struct_conn_type.reference   ? 
# 
_pdbx_modification_feature.ordinal                            1 
_pdbx_modification_feature.label_comp_id                      PRO 
_pdbx_modification_feature.label_asym_id                      A 
_pdbx_modification_feature.label_seq_id                       1 
_pdbx_modification_feature.label_alt_id                       ? 
_pdbx_modification_feature.modified_residue_label_comp_id     VAL 
_pdbx_modification_feature.modified_residue_label_asym_id     A 
_pdbx_modification_feature.modified_residue_label_seq_id      4 
_pdbx_modification_feature.modified_residue_label_alt_id      ? 
_pdbx_modification_feature.auth_comp_id                       PRO 
_pdbx_modification_feature.auth_asym_id                       A 
_pdbx_modification_feature.auth_seq_id                        1 
_pdbx_modification_feature.PDB_ins_code                       ? 
_pdbx_modification_feature.symmetry                           1_555 
_pdbx_modification_feature.modified_residue_auth_comp_id      VAL 
_pdbx_modification_feature.modified_residue_auth_asym_id      A 
_pdbx_modification_feature.modified_residue_auth_seq_id       4 
_pdbx_modification_feature.modified_residue_PDB_ins_code      ? 
_pdbx_modification_feature.modified_residue_symmetry          1_555 
_pdbx_modification_feature.comp_id_linking_atom               N 
_pdbx_modification_feature.modified_residue_id_linking_atom   C 
_pdbx_modification_feature.modified_residue_id                . 
_pdbx_modification_feature.ref_pcm_id                         . 
_pdbx_modification_feature.ref_comp_id                        . 
_pdbx_modification_feature.type                               None 
_pdbx_modification_feature.category                           'Non-standard linkage' 
# 
loop_
_struct_mon_prot_cis.pdbx_id 
_struct_mon_prot_cis.label_comp_id 
_struct_mon_prot_cis.label_seq_id 
_struct_mon_prot_cis.label_asym_id 
_struct_mon_prot_cis.label_alt_id 
_struct_mon_prot_cis.pdbx_PDB_ins_code 
_struct_mon_prot_cis.auth_comp_id 
_struct_mon_prot_cis.auth_seq_id 
_struct_mon_prot_cis.auth_asym_id 
_struct_mon_prot_cis.pdbx_label_comp_id_2 
_struct_mon_prot_cis.pdbx_label_seq_id_2 
_struct_mon_prot_cis.pdbx_label_asym_id_2 
_struct_mon_prot_cis.pdbx_PDB_ins_code_2 
_struct_mon_prot_cis.pdbx_auth_comp_id_2 
_struct_mon_prot_cis.pdbx_auth_seq_id_2 
_struct_mon_prot_cis.pdbx_auth_asym_id_2 
_struct_mon_prot_cis.pdbx_PDB_model_num 
_struct_mon_prot_cis.pdbx_omega_angle 
1  TYR 2 A . ? TYR 2 A PRO 3 A ? PRO 3 A 1  -0.11 
2  TYR 2 A . ? TYR 2 A PRO 3 A ? PRO 3 A 2  -0.12 
3  TYR 2 A . ? TYR 2 A PRO 3 A ? PRO 3 A 3  -0.07 
4  TYR 2 A . ? TYR 2 A PRO 3 A ? PRO 3 A 4  0.00  
5  TYR 2 A . ? TYR 2 A PRO 3 A ? PRO 3 A 5  0.01  
6  TYR 2 A . ? TYR 2 A PRO 3 A ? PRO 3 A 6  -0.05 
7  TYR 2 A . ? TYR 2 A PRO 3 A ? PRO 3 A 7  -0.07 
8  TYR 2 A . ? TYR 2 A PRO 3 A ? PRO 3 A 8  0.01  
9  TYR 2 A . ? TYR 2 A PRO 3 A ? PRO 3 A 9  -0.09 
10 TYR 2 A . ? TYR 2 A PRO 3 A ? PRO 3 A 10 -0.04 
# 
_pdbx_entry_details.entry_id                   6DNY 
_pdbx_entry_details.compound_details           ? 
_pdbx_entry_details.source_details             ? 
_pdbx_entry_details.nonpolymer_details         ? 
_pdbx_entry_details.sequence_details           ? 
_pdbx_entry_details.has_ligand_of_interest     ? 
_pdbx_entry_details.has_protein_modification   Y 
# 
loop_
_pdbx_validate_torsion.id 
_pdbx_validate_torsion.PDB_model_num 
_pdbx_validate_torsion.auth_comp_id 
_pdbx_validate_torsion.auth_asym_id 
_pdbx_validate_torsion.auth_seq_id 
_pdbx_validate_torsion.PDB_ins_code 
_pdbx_validate_torsion.label_alt_id 
_pdbx_validate_torsion.phi 
_pdbx_validate_torsion.psi 
1  1  TYR A 2 ? ? -151.76 82.30 
2  2  TYR A 2 ? ? -151.83 82.27 
3  3  TYR A 2 ? ? -151.80 82.22 
4  4  TYR A 2 ? ? -151.81 82.22 
5  5  TYR A 2 ? ? -151.83 82.22 
6  6  TYR A 2 ? ? -151.75 82.25 
7  7  TYR A 2 ? ? -151.76 82.25 
8  8  TYR A 2 ? ? -151.77 82.23 
9  9  TYR A 2 ? ? -151.76 82.28 
10 10 TYR A 2 ? ? -151.76 82.24 
# 
_pdbx_nmr_ensemble.entry_id                                      6DNY 
_pdbx_nmr_ensemble.conformers_calculated_total_number            100 
_pdbx_nmr_ensemble.conformers_submitted_total_number             10 
_pdbx_nmr_ensemble.conformer_selection_criteria                  'structures with the lowest energy' 
_pdbx_nmr_ensemble.representative_conformer                      ? 
_pdbx_nmr_ensemble.average_constraints_per_residue               ? 
_pdbx_nmr_ensemble.average_constraint_violations_per_residue     ? 
_pdbx_nmr_ensemble.maximum_distance_constraint_violation         ? 
_pdbx_nmr_ensemble.average_distance_constraint_violation         ? 
_pdbx_nmr_ensemble.maximum_upper_distance_constraint_violation   ? 
_pdbx_nmr_ensemble.maximum_lower_distance_constraint_violation   ? 
_pdbx_nmr_ensemble.distance_constraint_violation_method          ? 
_pdbx_nmr_ensemble.maximum_torsion_angle_constraint_violation    ? 
_pdbx_nmr_ensemble.average_torsion_angle_constraint_violation    ? 
_pdbx_nmr_ensemble.torsion_angle_constraint_violation_method     ? 
# 
_pdbx_nmr_representative.entry_id             6DNY 
_pdbx_nmr_representative.conformer_id         1 
_pdbx_nmr_representative.selection_criteria   'lowest energy' 
# 
_pdbx_nmr_sample_details.solution_id      1 
_pdbx_nmr_sample_details.contents         '1 mM NA cyclo(-L-Pro-L-Tyr-L-Pro-L-Val-), deuterated DMSO' 
_pdbx_nmr_sample_details.solvent_system   'deuterated DMSO' 
_pdbx_nmr_sample_details.label            unlabeled 
_pdbx_nmr_sample_details.type             solution 
_pdbx_nmr_sample_details.details          ? 
# 
_pdbx_nmr_exptl_sample.solution_id           1 
_pdbx_nmr_exptl_sample.component             'cyclo(-L-Pro-L-Tyr-L-Pro-L-Val-)' 
_pdbx_nmr_exptl_sample.concentration         1 
_pdbx_nmr_exptl_sample.concentration_range   ? 
_pdbx_nmr_exptl_sample.concentration_units   mM 
_pdbx_nmr_exptl_sample.isotopic_labeling     NA 
# 
_pdbx_nmr_exptl_sample_conditions.conditions_id          1 
_pdbx_nmr_exptl_sample_conditions.temperature            293 
_pdbx_nmr_exptl_sample_conditions.pressure_units         bar 
_pdbx_nmr_exptl_sample_conditions.pressure               1 
_pdbx_nmr_exptl_sample_conditions.pH                     7.0 
_pdbx_nmr_exptl_sample_conditions.ionic_strength         0 
_pdbx_nmr_exptl_sample_conditions.details                ? 
_pdbx_nmr_exptl_sample_conditions.ionic_strength_err     0.2 
_pdbx_nmr_exptl_sample_conditions.ionic_strength_units   'Not defined' 
_pdbx_nmr_exptl_sample_conditions.label                  condition_1 
_pdbx_nmr_exptl_sample_conditions.pH_err                 0.1 
_pdbx_nmr_exptl_sample_conditions.pH_units               pH* 
_pdbx_nmr_exptl_sample_conditions.pressure_err           0.01 
_pdbx_nmr_exptl_sample_conditions.temperature_err        0.1 
_pdbx_nmr_exptl_sample_conditions.temperature_units      K 
# 
loop_
_pdbx_nmr_exptl.experiment_id 
_pdbx_nmr_exptl.conditions_id 
_pdbx_nmr_exptl.solution_id 
_pdbx_nmr_exptl.type 
_pdbx_nmr_exptl.spectrometer_id 
_pdbx_nmr_exptl.sample_state 
1 1 1 '2D 1H-1H TOCSY' 1 isotropic 
2 1 1 '2D 1H-1H NOESY' 1 isotropic 
3 1 1 '2D 1H-1H ROESY' 1 isotropic 
5 1 1 '2D 1H-13C HSQC' 1 isotropic 
# 
_pdbx_nmr_refine.entry_id           6DNY 
_pdbx_nmr_refine.method             'simulated annealing' 
_pdbx_nmr_refine.details            ? 
_pdbx_nmr_refine.software_ordinal   1 
# 
loop_
_pdbx_nmr_software.ordinal 
_pdbx_nmr_software.classification 
_pdbx_nmr_software.name 
_pdbx_nmr_software.version 
_pdbx_nmr_software.authors 
1 refinement                  CYANA 3.96 'Guntert P.'                        
2 'structure calculation'     CYANA 3.96 'Guntert, Mumenthaler and Wuthrich' 
3 'chemical shift assignment' CARA  ?    'Keller, Wuthrich'                  
4 'peak picking'              CARA  ?    'Keller and Wuthrich'               
# 
loop_
_chem_comp_atom.comp_id 
_chem_comp_atom.atom_id 
_chem_comp_atom.type_symbol 
_chem_comp_atom.pdbx_aromatic_flag 
_chem_comp_atom.pdbx_stereo_config 
_chem_comp_atom.pdbx_ordinal 
PRO N    N N N 1  
PRO CA   C N S 2  
PRO C    C N N 3  
PRO O    O N N 4  
PRO CB   C N N 5  
PRO CG   C N N 6  
PRO CD   C N N 7  
PRO OXT  O N N 8  
PRO H    H N N 9  
PRO HA   H N N 10 
PRO HB2  H N N 11 
PRO HB3  H N N 12 
PRO HG2  H N N 13 
PRO HG3  H N N 14 
PRO HD2  H N N 15 
PRO HD3  H N N 16 
PRO HXT  H N N 17 
TYR N    N N N 18 
TYR CA   C N S 19 
TYR C    C N N 20 
TYR O    O N N 21 
TYR CB   C N N 22 
TYR CG   C Y N 23 
TYR CD1  C Y N 24 
TYR CD2  C Y N 25 
TYR CE1  C Y N 26 
TYR CE2  C Y N 27 
TYR CZ   C Y N 28 
TYR OH   O N N 29 
TYR OXT  O N N 30 
TYR H    H N N 31 
TYR H2   H N N 32 
TYR HA   H N N 33 
TYR HB2  H N N 34 
TYR HB3  H N N 35 
TYR HD1  H N N 36 
TYR HD2  H N N 37 
TYR HE1  H N N 38 
TYR HE2  H N N 39 
TYR HH   H N N 40 
TYR HXT  H N N 41 
VAL N    N N N 42 
VAL CA   C N S 43 
VAL C    C N N 44 
VAL O    O N N 45 
VAL CB   C N N 46 
VAL CG1  C N N 47 
VAL CG2  C N N 48 
VAL OXT  O N N 49 
VAL H    H N N 50 
VAL H2   H N N 51 
VAL HA   H N N 52 
VAL HB   H N N 53 
VAL HG11 H N N 54 
VAL HG12 H N N 55 
VAL HG13 H N N 56 
VAL HG21 H N N 57 
VAL HG22 H N N 58 
VAL HG23 H N N 59 
VAL HXT  H N N 60 
# 
loop_
_chem_comp_bond.comp_id 
_chem_comp_bond.atom_id_1 
_chem_comp_bond.atom_id_2 
_chem_comp_bond.value_order 
_chem_comp_bond.pdbx_aromatic_flag 
_chem_comp_bond.pdbx_stereo_config 
_chem_comp_bond.pdbx_ordinal 
PRO N   CA   sing N N 1  
PRO N   CD   sing N N 2  
PRO N   H    sing N N 3  
PRO CA  C    sing N N 4  
PRO CA  CB   sing N N 5  
PRO CA  HA   sing N N 6  
PRO C   O    doub N N 7  
PRO C   OXT  sing N N 8  
PRO CB  CG   sing N N 9  
PRO CB  HB2  sing N N 10 
PRO CB  HB3  sing N N 11 
PRO CG  CD   sing N N 12 
PRO CG  HG2  sing N N 13 
PRO CG  HG3  sing N N 14 
PRO CD  HD2  sing N N 15 
PRO CD  HD3  sing N N 16 
PRO OXT HXT  sing N N 17 
TYR N   CA   sing N N 18 
TYR N   H    sing N N 19 
TYR N   H2   sing N N 20 
TYR CA  C    sing N N 21 
TYR CA  CB   sing N N 22 
TYR CA  HA   sing N N 23 
TYR C   O    doub N N 24 
TYR C   OXT  sing N N 25 
TYR CB  CG   sing N N 26 
TYR CB  HB2  sing N N 27 
TYR CB  HB3  sing N N 28 
TYR CG  CD1  doub Y N 29 
TYR CG  CD2  sing Y N 30 
TYR CD1 CE1  sing Y N 31 
TYR CD1 HD1  sing N N 32 
TYR CD2 CE2  doub Y N 33 
TYR CD2 HD2  sing N N 34 
TYR CE1 CZ   doub Y N 35 
TYR CE1 HE1  sing N N 36 
TYR CE2 CZ   sing Y N 37 
TYR CE2 HE2  sing N N 38 
TYR CZ  OH   sing N N 39 
TYR OH  HH   sing N N 40 
TYR OXT HXT  sing N N 41 
VAL N   CA   sing N N 42 
VAL N   H    sing N N 43 
VAL N   H2   sing N N 44 
VAL CA  C    sing N N 45 
VAL CA  CB   sing N N 46 
VAL CA  HA   sing N N 47 
VAL C   O    doub N N 48 
VAL C   OXT  sing N N 49 
VAL CB  CG1  sing N N 50 
VAL CB  CG2  sing N N 51 
VAL CB  HB   sing N N 52 
VAL CG1 HG11 sing N N 53 
VAL CG1 HG12 sing N N 54 
VAL CG1 HG13 sing N N 55 
VAL CG2 HG21 sing N N 56 
VAL CG2 HG22 sing N N 57 
VAL CG2 HG23 sing N N 58 
VAL OXT HXT  sing N N 59 
# 
_pdbx_audit_support.funding_organization   'National Institutes of Health/National Human Genome Research Institute (NIH/NHGRI)' 
_pdbx_audit_support.country                'United States' 
_pdbx_audit_support.grant_number           R01GM085006 
_pdbx_audit_support.ordinal                1 
# 
_pdbx_nmr_spectrometer.spectrometer_id   1 
_pdbx_nmr_spectrometer.model             'AVANCE III' 
_pdbx_nmr_spectrometer.type              ? 
_pdbx_nmr_spectrometer.manufacturer      Bruker 
_pdbx_nmr_spectrometer.field_strength    600 
_pdbx_nmr_spectrometer.details           ? 
# 
_atom_sites.entry_id                    6DNY 
_atom_sites.fract_transf_matrix[1][1]   1.000000 
_atom_sites.fract_transf_matrix[1][2]   0.000000 
_atom_sites.fract_transf_matrix[1][3]   0.000000 
_atom_sites.fract_transf_matrix[2][1]   0.000000 
_atom_sites.fract_transf_matrix[2][2]   1.000000 
_atom_sites.fract_transf_matrix[2][3]   0.000000 
_atom_sites.fract_transf_matrix[3][1]   0.000000 
_atom_sites.fract_transf_matrix[3][2]   0.000000 
_atom_sites.fract_transf_matrix[3][3]   1.000000 
_atom_sites.fract_transf_vector[1]      0.00000 
_atom_sites.fract_transf_vector[2]      0.00000 
_atom_sites.fract_transf_vector[3]      0.00000 
# 
loop_
_atom_type.symbol 
C 
H 
N 
O 
# 
loop_
_atom_site.group_PDB 
_atom_site.id 
_atom_site.type_symbol 
_atom_site.label_atom_id 
_atom_site.label_alt_id 
_atom_site.label_comp_id 
_atom_site.label_asym_id 
_atom_site.label_entity_id 
_atom_site.label_seq_id 
_atom_site.pdbx_PDB_ins_code 
_atom_site.Cartn_x 
_atom_site.Cartn_y 
_atom_site.Cartn_z 
_atom_site.occupancy 
_atom_site.B_iso_or_equiv 
_atom_site.pdbx_formal_charge 
_atom_site.auth_seq_id 
_atom_site.auth_comp_id 
_atom_site.auth_asym_id 
_atom_site.auth_atom_id 
_atom_site.pdbx_PDB_model_num 
ATOM 1   N N    . PRO A 1 1 ? 2.553  -1.142 -0.121 1.00 3.00  ? 1 PRO A N    1  
ATOM 2   C CA   . PRO A 1 1 ? 1.551  -1.858 -0.918 1.00 11.02 ? 1 PRO A CA   1  
ATOM 3   C C    . PRO A 1 1 ? 0.165  -1.810 -0.284 1.00 43.11 ? 1 PRO A C    1  
ATOM 4   O O    . PRO A 1 1 ? -0.781 -2.412 -0.792 1.00 55.12 ? 1 PRO A O    1  
ATOM 5   C CB   . PRO A 1 1 ? 2.079  -3.294 -0.945 1.00 32.50 ? 1 PRO A CB   1  
ATOM 6   C CG   . PRO A 1 1 ? 2.912  -3.415 0.284  1.00 34.23 ? 1 PRO A CG   1  
ATOM 7   C CD   . PRO A 1 1 ? 3.520  -2.057 0.507  1.00 4.45  ? 1 PRO A CD   1  
ATOM 8   H HA   . PRO A 1 1 ? 1.498  -1.473 -1.926 1.00 41.11 ? 1 PRO A HA   1  
ATOM 9   H HB2  . PRO A 1 1 ? 1.248  -3.986 -0.928 1.00 14.44 ? 1 PRO A HB2  1  
ATOM 10  H HB3  . PRO A 1 1 ? 2.667  -3.450 -1.836 1.00 73.35 ? 1 PRO A HB3  1  
ATOM 11  H HG2  . PRO A 1 1 ? 2.292  -3.689 1.124  1.00 45.02 ? 1 PRO A HG2  1  
ATOM 12  H HG3  . PRO A 1 1 ? 3.687  -4.151 0.132  1.00 63.42 ? 1 PRO A HG3  1  
ATOM 13  H HD2  . PRO A 1 1 ? 3.614  -1.854 1.564  1.00 43.40 ? 1 PRO A HD2  1  
ATOM 14  H HD3  . PRO A 1 1 ? 4.483  -1.991 0.022  1.00 44.41 ? 1 PRO A HD3  1  
ATOM 15  N N    . TYR A 1 2 ? 0.052  -1.093 0.829  1.00 42.43 ? 2 TYR A N    1  
ATOM 16  C CA   . TYR A 1 2 ? -1.219 -0.970 1.533  1.00 1.34  ? 2 TYR A CA   1  
ATOM 17  C C    . TYR A 1 2 ? -1.295 0.352  2.289  1.00 32.53 ? 2 TYR A C    1  
ATOM 18  O O    . TYR A 1 2 ? -1.039 0.424  3.492  1.00 34.13 ? 2 TYR A O    1  
ATOM 19  C CB   . TYR A 1 2 ? -1.403 -2.138 2.503  1.00 52.12 ? 2 TYR A CB   1  
ATOM 20  C CG   . TYR A 1 2 ? -2.815 -2.271 3.028  1.00 33.51 ? 2 TYR A CG   1  
ATOM 21  C CD1  . TYR A 1 2 ? -3.898 -2.323 2.159  1.00 62.33 ? 2 TYR A CD1  1  
ATOM 22  C CD2  . TYR A 1 2 ? -3.065 -2.343 4.393  1.00 71.25 ? 2 TYR A CD2  1  
ATOM 23  C CE1  . TYR A 1 2 ? -5.189 -2.445 2.635  1.00 52.13 ? 2 TYR A CE1  1  
ATOM 24  C CE2  . TYR A 1 2 ? -4.353 -2.465 4.877  1.00 42.03 ? 2 TYR A CE2  1  
ATOM 25  C CZ   . TYR A 1 2 ? -5.412 -2.515 3.994  1.00 44.32 ? 2 TYR A CZ   1  
ATOM 26  O OH   . TYR A 1 2 ? -6.697 -2.636 4.472  1.00 3.33  ? 2 TYR A OH   1  
ATOM 27  H H    . TYR A 1 2 ? 0.842  -0.637 1.185  1.00 21.13 ? 2 TYR A H    1  
ATOM 28  H HA   . TYR A 1 2 ? -2.009 -0.997 0.797  1.00 71.51 ? 2 TYR A HA   1  
ATOM 29  H HB2  . TYR A 1 2 ? -1.149 -3.058 2.001  1.00 45.31 ? 2 TYR A HB2  1  
ATOM 30  H HB3  . TYR A 1 2 ? -0.746 -2.002 3.349  1.00 12.23 ? 2 TYR A HB3  1  
ATOM 31  H HD1  . TYR A 1 2 ? -3.720 -2.268 1.094  1.00 34.52 ? 2 TYR A HD1  1  
ATOM 32  H HD2  . TYR A 1 2 ? -2.234 -2.302 5.082  1.00 62.02 ? 2 TYR A HD2  1  
ATOM 33  H HE1  . TYR A 1 2 ? -6.019 -2.484 1.944  1.00 63.11 ? 2 TYR A HE1  1  
ATOM 34  H HE2  . TYR A 1 2 ? -4.528 -2.520 5.941  1.00 61.14 ? 2 TYR A HE2  1  
ATOM 35  H HH   . TYR A 1 2 ? -7.121 -3.393 4.062  1.00 71.31 ? 2 TYR A HH   1  
ATOM 36  N N    . PRO A 1 3 ? -1.658 1.425  1.571  1.00 52.32 ? 3 PRO A N    1  
ATOM 37  C CA   . PRO A 1 3 ? -1.964 1.351  0.139  1.00 22.53 ? 3 PRO A CA   1  
ATOM 38  C C    . PRO A 1 3 ? -0.725 1.080  -0.706 1.00 53.55 ? 3 PRO A C    1  
ATOM 39  O O    . PRO A 1 3 ? -0.810 0.479  -1.777 1.00 24.14 ? 3 PRO A O    1  
ATOM 40  C CB   . PRO A 1 3 ? -2.533 2.738  -0.174 1.00 3.10  ? 3 PRO A CB   1  
ATOM 41  C CG   . PRO A 1 3 ? -1.941 3.632  0.860  1.00 62.44 ? 3 PRO A CG   1  
ATOM 42  C CD   . PRO A 1 3 ? -1.795 2.792  2.099  1.00 51.13 ? 3 PRO A CD   1  
ATOM 43  H HA   . PRO A 1 3 ? -2.712 0.598  -0.068 1.00 20.04 ? 3 PRO A HA   1  
ATOM 44  H HB2  . PRO A 1 3 ? -2.238 3.034  -1.170 1.00 12.35 ? 3 PRO A HB2  1  
ATOM 45  H HB3  . PRO A 1 3 ? -3.610 2.712  -0.104 1.00 54.15 ? 3 PRO A HB3  1  
ATOM 46  H HG2  . PRO A 1 3 ? -0.976 3.986  0.531  1.00 50.15 ? 3 PRO A HG2  1  
ATOM 47  H HG3  . PRO A 1 3 ? -2.604 4.464  1.047  1.00 21.33 ? 3 PRO A HG3  1  
ATOM 48  H HD2  . PRO A 1 3 ? -0.913 3.083  2.650  1.00 71.00 ? 3 PRO A HD2  1  
ATOM 49  H HD3  . PRO A 1 3 ? -2.675 2.878  2.720  1.00 54.32 ? 3 PRO A HD3  1  
ATOM 50  N N    . VAL A 1 4 ? 0.427  1.530  -0.219 1.00 11.34 ? 4 VAL A N    1  
ATOM 51  C CA   . VAL A 1 4 ? 1.686  1.335  -0.930 1.00 32.12 ? 4 VAL A CA   1  
ATOM 52  C C    . VAL A 1 4 ? 2.597  0.370  -0.179 1.00 12.21 ? 4 VAL A C    1  
ATOM 53  O O    . VAL A 1 4 ? 3.456  0.789  0.598  1.00 2.12  ? 4 VAL A O    1  
ATOM 54  C CB   . VAL A 1 4 ? 2.427  2.669  -1.135 1.00 51.04 ? 4 VAL A CB   1  
ATOM 55  C CG1  . VAL A 1 4 ? 3.680  2.461  -1.972 1.00 11.11 ? 4 VAL A CG1  1  
ATOM 56  C CG2  . VAL A 1 4 ? 1.508  3.694  -1.782 1.00 50.44 ? 4 VAL A CG2  1  
ATOM 57  H H    . VAL A 1 4 ? 0.431  2.003  0.639  1.00 2.32  ? 4 VAL A H    1  
ATOM 58  H HA   . VAL A 1 4 ? 1.460  0.919  -1.900 1.00 43.24 ? 4 VAL A HA   1  
ATOM 59  H HB   . VAL A 1 4 ? 2.726  3.045  -0.168 1.00 22.41 ? 4 VAL A HB   1  
ATOM 60  H HG11 . VAL A 1 4 ? 3.403  2.098  -2.951 1.00 20.24 ? 4 VAL A HG11 1  
ATOM 61  H HG12 . VAL A 1 4 ? 4.208  3.398  -2.070 1.00 73.43 ? 4 VAL A HG12 1  
ATOM 62  H HG13 . VAL A 1 4 ? 4.319  1.737  -1.488 1.00 22.01 ? 4 VAL A HG13 1  
ATOM 63  H HG21 . VAL A 1 4 ? 0.836  3.194  -2.464 1.00 40.42 ? 4 VAL A HG21 1  
ATOM 64  H HG22 . VAL A 1 4 ? 0.936  4.198  -1.018 1.00 72.33 ? 4 VAL A HG22 1  
ATOM 65  H HG23 . VAL A 1 4 ? 2.099  4.417  -2.325 1.00 23.11 ? 4 VAL A HG23 1  
ATOM 66  N N    . PRO A 1 1 ? 2.523  -1.143 -0.162 1.00 61.34 ? 1 PRO A N    2  
ATOM 67  C CA   . PRO A 1 1 ? 1.500  -1.828 -0.958 1.00 63.12 ? 1 PRO A CA   2  
ATOM 68  C C    . PRO A 1 1 ? 0.123  -1.773 -0.304 1.00 54.14 ? 1 PRO A C    2  
ATOM 69  O O    . PRO A 1 1 ? -0.840 -2.350 -0.811 1.00 12.13 ? 1 PRO A O    2  
ATOM 70  C CB   . PRO A 1 1 ? 2.004  -3.271 -1.020 1.00 4.15  ? 1 PRO A CB   2  
ATOM 71  C CG   . PRO A 1 1 ? 2.853  -3.428 0.195  1.00 13.05 ? 1 PRO A CG   2  
ATOM 72  C CD   . PRO A 1 1 ? 3.485  -2.084 0.435  1.00 44.22 ? 1 PRO A CD   2  
ATOM 73  H HA   . PRO A 1 1 ? 1.438  -1.423 -1.957 1.00 64.02 ? 1 PRO A HA   2  
ATOM 74  H HB2  . PRO A 1 1 ? 1.164  -3.950 -1.005 1.00 43.40 ? 1 PRO A HB2  2  
ATOM 75  H HB3  . PRO A 1 1 ? 2.578  -3.418 -1.923 1.00 13.12 ? 1 PRO A HB3  2  
ATOM 76  H HG2  . PRO A 1 1 ? 2.240  -3.709 1.037  1.00 23.42 ? 1 PRO A HG2  2  
ATOM 77  H HG3  . PRO A 1 1 ? 3.614  -4.173 0.018  1.00 40.50 ? 1 PRO A HG3  2  
ATOM 78  H HD2  . PRO A 1 1 ? 3.596  -1.904 1.494  1.00 1.11  ? 1 PRO A HD2  2  
ATOM 79  H HD3  . PRO A 1 1 ? 4.442  -2.023 -0.063 1.00 44.13 ? 1 PRO A HD3  2  
ATOM 80  N N    . TYR A 1 2 ? 0.036  -1.075 0.823  1.00 10.35 ? 2 TYR A N    2  
ATOM 81  C CA   . TYR A 1 2 ? -1.223 -0.947 1.548  1.00 11.51 ? 2 TYR A CA   2  
ATOM 82  C C    . TYR A 1 2 ? -1.269 0.361  2.331  1.00 51.33 ? 2 TYR A C    2  
ATOM 83  O O    . TYR A 1 2 ? -0.996 0.406  3.531  1.00 50.11 ? 2 TYR A O    2  
ATOM 84  C CB   . TYR A 1 2 ? -1.412 -2.130 2.497  1.00 23.21 ? 2 TYR A CB   2  
ATOM 85  C CG   . TYR A 1 2 ? -2.844 -2.331 2.938  1.00 55.24 ? 2 TYR A CG   2  
ATOM 86  C CD1  . TYR A 1 2 ? -3.784 -2.889 2.080  1.00 52.14 ? 2 TYR A CD1  2  
ATOM 87  C CD2  . TYR A 1 2 ? -3.259 -1.960 4.211  1.00 13.22 ? 2 TYR A CD2  2  
ATOM 88  C CE1  . TYR A 1 2 ? -5.094 -3.073 2.478  1.00 44.21 ? 2 TYR A CE1  2  
ATOM 89  C CE2  . TYR A 1 2 ? -4.566 -2.141 4.618  1.00 61.22 ? 2 TYR A CE2  2  
ATOM 90  C CZ   . TYR A 1 2 ? -5.480 -2.698 3.748  1.00 24.11 ? 2 TYR A CZ   2  
ATOM 91  O OH   . TYR A 1 2 ? -6.785 -2.879 4.149  1.00 10.42 ? 2 TYR A OH   2  
ATOM 92  H H    . TYR A 1 2 ? 0.838  -0.638 1.178  1.00 13.11 ? 2 TYR A H    2  
ATOM 93  H HA   . TYR A 1 2 ? -2.024 -0.948 0.822  1.00 31.20 ? 2 TYR A HA   2  
ATOM 94  H HB2  . TYR A 1 2 ? -1.089 -3.034 2.005  1.00 0.30  ? 2 TYR A HB2  2  
ATOM 95  H HB3  . TYR A 1 2 ? -0.812 -1.973 3.381  1.00 1.04  ? 2 TYR A HB3  2  
ATOM 96  H HD1  . TYR A 1 2 ? -3.479 -3.182 1.086  1.00 31.12 ? 2 TYR A HD1  2  
ATOM 97  H HD2  . TYR A 1 2 ? -2.540 -1.524 4.890  1.00 42.00 ? 2 TYR A HD2  2  
ATOM 98  H HE1  . TYR A 1 2 ? -5.811 -3.509 1.797  1.00 50.41 ? 2 TYR A HE1  2  
ATOM 99  H HE2  . TYR A 1 2 ? -4.869 -1.848 5.612  1.00 32.33 ? 2 TYR A HE2  2  
ATOM 100 H HH   . TYR A 1 2 ? -6.808 -3.043 5.095  1.00 73.34 ? 2 TYR A HH   2  
ATOM 101 N N    . PRO A 1 3 ? -1.626 1.452  1.638  1.00 14.55 ? 3 PRO A N    2  
ATOM 102 C CA   . PRO A 1 3 ? -1.953 1.412  0.209  1.00 4.24  ? 3 PRO A CA   2  
ATOM 103 C C    . PRO A 1 3 ? -0.728 1.139  -0.659 1.00 71.42 ? 3 PRO A C    2  
ATOM 104 O O    . PRO A 1 3 ? -0.838 0.559  -1.739 1.00 35.24 ? 3 PRO A O    2  
ATOM 105 C CB   . PRO A 1 3 ? -2.505 2.812  -0.069 1.00 21.32 ? 3 PRO A CB   2  
ATOM 106 C CG   . PRO A 1 3 ? -1.886 3.677  0.974  1.00 42.42 ? 3 PRO A CG   2  
ATOM 107 C CD   . PRO A 1 3 ? -1.735 2.811  2.195  1.00 55.41 ? 3 PRO A CD   2  
ATOM 108 H HA   . PRO A 1 3 ? -2.713 0.675  -0.002 1.00 64.32 ? 3 PRO A HA   2  
ATOM 109 H HB2  . PRO A 1 3 ? -2.219 3.123  -1.064 1.00 13.14 ? 3 PRO A HB2  2  
ATOM 110 H HB3  . PRO A 1 3 ? -3.581 2.801  0.015  1.00 74.30 ? 3 PRO A HB3  2  
ATOM 111 H HG2  . PRO A 1 3 ? -0.920 4.022  0.638  1.00 75.11 ? 3 PRO A HG2  2  
ATOM 112 H HG3  . PRO A 1 3 ? -2.533 4.515  1.186  1.00 33.43 ? 3 PRO A HG3  2  
ATOM 113 H HD2  . PRO A 1 3 ? -0.841 3.079  2.738  1.00 11.01 ? 3 PRO A HD2  2  
ATOM 114 H HD3  . PRO A 1 3 ? -2.605 2.899  2.828  1.00 31.51 ? 3 PRO A HD3  2  
ATOM 115 N N    . VAL A 1 4 ? 0.437  1.562  -0.178 1.00 43.45 ? 4 VAL A N    2  
ATOM 116 C CA   . VAL A 1 4 ? 1.682  1.362  -0.910 1.00 70.12 ? 4 VAL A CA   2  
ATOM 117 C C    . VAL A 1 4 ? 2.589  0.370  -0.191 1.00 32.02 ? 4 VAL A C    2  
ATOM 118 O O    . VAL A 1 4 ? 3.465  0.761  0.580  1.00 25.02 ? 4 VAL A O    2  
ATOM 119 C CB   . VAL A 1 4 ? 2.440  2.689  -1.100 1.00 50.23 ? 4 VAL A CB   2  
ATOM 120 C CG1  . VAL A 1 4 ? 3.744  2.457  -1.848 1.00 43.23 ? 4 VAL A CG1  2  
ATOM 121 C CG2  . VAL A 1 4 ? 1.569  3.699  -1.832 1.00 13.24 ? 4 VAL A CG2  2  
ATOM 122 H H    . VAL A 1 4 ? 0.460  2.018  0.689  1.00 45.23 ? 4 VAL A H    2  
ATOM 123 H HA   . VAL A 1 4 ? 1.436  0.968  -1.886 1.00 14.04 ? 4 VAL A HA   2  
ATOM 124 H HB   . VAL A 1 4 ? 2.677  3.088  -0.125 1.00 34.33 ? 4 VAL A HB   2  
ATOM 125 H HG11 . VAL A 1 4 ? 4.369  1.783  -1.281 1.00 24.11 ? 4 VAL A HG11 2  
ATOM 126 H HG12 . VAL A 1 4 ? 3.533  2.025  -2.816 1.00 74.02 ? 4 VAL A HG12 2  
ATOM 127 H HG13 . VAL A 1 4 ? 4.257  3.398  -1.978 1.00 12.32 ? 4 VAL A HG13 2  
ATOM 128 H HG21 . VAL A 1 4 ? 0.594  3.734  -1.370 1.00 34.32 ? 4 VAL A HG21 2  
ATOM 129 H HG22 . VAL A 1 4 ? 2.028  4.677  -1.778 1.00 25.44 ? 4 VAL A HG22 2  
ATOM 130 H HG23 . VAL A 1 4 ? 1.468  3.407  -2.866 1.00 2.30  ? 4 VAL A HG23 2  
ATOM 131 N N    . PRO A 1 1 ? 2.473  -1.169 -0.219 1.00 32.43 ? 1 PRO A N    3  
ATOM 132 C CA   . PRO A 1 1 ? 1.399  -1.835 -0.960 1.00 45.40 ? 1 PRO A CA   3  
ATOM 133 C C    . PRO A 1 1 ? 0.057  -1.749 -0.242 1.00 35.44 ? 1 PRO A C    3  
ATOM 134 O O    . PRO A 1 1 ? -0.940 -2.309 -0.698 1.00 34.23 ? 1 PRO A O    3  
ATOM 135 C CB   . PRO A 1 1 ? 1.872  -3.289 -1.039 1.00 73.23 ? 1 PRO A CB   3  
ATOM 136 C CG   . PRO A 1 1 ? 2.775  -3.458 0.134  1.00 34.41 ? 1 PRO A CG   3  
ATOM 137 C CD   . PRO A 1 1 ? 3.445  -2.127 0.336  1.00 71.14 ? 1 PRO A CD   3  
ATOM 138 H HA   . PRO A 1 1 ? 1.298  -1.434 -1.958 1.00 72.01 ? 1 PRO A HA   3  
ATOM 139 H HB2  . PRO A 1 1 ? 1.019  -3.951 -0.981 1.00 20.35 ? 1 PRO A HB2  3  
ATOM 140 H HB3  . PRO A 1 1 ? 2.397  -3.451 -1.967 1.00 42.52 ? 1 PRO A HB3  3  
ATOM 141 H HG2  . PRO A 1 1 ? 2.197  -3.723 1.007  1.00 40.34 ? 1 PRO A HG2  3  
ATOM 142 H HG3  . PRO A 1 1 ? 3.510  -4.219 -0.076 1.00 3.53  ? 1 PRO A HG3  3  
ATOM 143 H HD2  . PRO A 1 1 ? 3.611  -1.944 1.388  1.00 53.44 ? 1 PRO A HD2  3  
ATOM 144 H HD3  . PRO A 1 1 ? 4.377  -2.088 -0.208 1.00 20.02 ? 1 PRO A HD3  3  
ATOM 145 N N    . TYR A 1 2 ? 0.040  -1.045 0.885  1.00 21.41 ? 2 TYR A N    3  
ATOM 146 C CA   . TYR A 1 2 ? -1.180 -0.887 1.669  1.00 44.43 ? 2 TYR A CA   3  
ATOM 147 C C    . TYR A 1 2 ? -1.162 0.424  2.447  1.00 55.20 ? 2 TYR A C    3  
ATOM 148 O O    . TYR A 1 2 ? -0.829 0.469  3.631  1.00 61.41 ? 2 TYR A O    3  
ATOM 149 C CB   . TYR A 1 2 ? -1.346 -2.063 2.633  1.00 61.14 ? 2 TYR A CB   3  
ATOM 150 C CG   . TYR A 1 2 ? -2.788 -2.363 2.979  1.00 13.54 ? 2 TYR A CG   3  
ATOM 151 C CD1  . TYR A 1 2 ? -3.327 -3.624 2.761  1.00 23.23 ? 2 TYR A CD1  3  
ATOM 152 C CD2  . TYR A 1 2 ? -3.610 -1.384 3.524  1.00 2.51  ? 2 TYR A CD2  3  
ATOM 153 C CE1  . TYR A 1 2 ? -4.643 -3.902 3.075  1.00 44.43 ? 2 TYR A CE1  3  
ATOM 154 C CE2  . TYR A 1 2 ? -4.927 -1.653 3.841  1.00 64.40 ? 2 TYR A CE2  3  
ATOM 155 C CZ   . TYR A 1 2 ? -5.440 -2.914 3.615  1.00 3.52  ? 2 TYR A CZ   3  
ATOM 156 O OH   . TYR A 1 2 ? -6.751 -3.187 3.930  1.00 14.12 ? 2 TYR A OH   3  
ATOM 157 H H    . TYR A 1 2 ? 0.866  -0.623 1.198  1.00 34.54 ? 2 TYR A H    3  
ATOM 158 H HA   . TYR A 1 2 ? -2.014 -0.876 0.984  1.00 73.34 ? 2 TYR A HA   3  
ATOM 159 H HB2  . TYR A 1 2 ? -0.922 -2.949 2.187  1.00 23.42 ? 2 TYR A HB2  3  
ATOM 160 H HB3  . TYR A 1 2 ? -0.824 -1.842 3.552  1.00 23.32 ? 2 TYR A HB3  3  
ATOM 161 H HD1  . TYR A 1 2 ? -2.701 -4.397 2.339  1.00 71.11 ? 2 TYR A HD1  3  
ATOM 162 H HD2  . TYR A 1 2 ? -3.206 -0.397 3.700  1.00 24.43 ? 2 TYR A HD2  3  
ATOM 163 H HE1  . TYR A 1 2 ? -5.045 -4.890 2.899  1.00 52.44 ? 2 TYR A HE1  3  
ATOM 164 H HE2  . TYR A 1 2 ? -5.551 -0.879 4.264  1.00 1.23  ? 2 TYR A HE2  3  
ATOM 165 H HH   . TYR A 1 2 ? -7.177 -2.387 4.247  1.00 23.44 ? 2 TYR A HH   3  
ATOM 166 N N    . PRO A 1 3 ? -1.529 1.520  1.766  1.00 41.41 ? 3 PRO A N    3  
ATOM 167 C CA   . PRO A 1 3 ? -1.925 1.479  0.355  1.00 61.21 ? 3 PRO A CA   3  
ATOM 168 C C    . PRO A 1 3 ? -0.751 1.178  -0.570 1.00 30.30 ? 3 PRO A C    3  
ATOM 169 O O    . PRO A 1 3 ? -0.924 0.596  -1.640 1.00 45.23 ? 3 PRO A O    3  
ATOM 170 C CB   . PRO A 1 3 ? -2.462 2.890  0.096  1.00 21.44 ? 3 PRO A CB   3  
ATOM 171 C CG   . PRO A 1 3 ? -1.775 3.747  1.104  1.00 45.22 ? 3 PRO A CG   3  
ATOM 172 C CD   . PRO A 1 3 ? -1.583 2.883  2.320  1.00 54.02 ? 3 PRO A CD   3  
ATOM 173 H HA   . PRO A 1 3 ? -2.711 0.757  0.185  1.00 14.20 ? 3 PRO A HA   3  
ATOM 174 H HB2  . PRO A 1 3 ? -2.217 3.191  -0.912 1.00 65.13 ? 3 PRO A HB2  3  
ATOM 175 H HB3  . PRO A 1 3 ? -3.533 2.902  0.233  1.00 43.53 ? 3 PRO A HB3  3  
ATOM 176 H HG2  . PRO A 1 3 ? -0.820 4.071  0.719  1.00 33.34 ? 3 PRO A HG2  3  
ATOM 177 H HG3  . PRO A 1 3 ? -2.394 4.599  1.343  1.00 64.31 ? 3 PRO A HG3  3  
ATOM 178 H HD2  . PRO A 1 3 ? -0.659 3.134  2.819  1.00 20.00 ? 3 PRO A HD2  3  
ATOM 179 H HD3  . PRO A 1 3 ? -2.419 2.992  2.994  1.00 64.31 ? 3 PRO A HD3  3  
ATOM 180 N N    . VAL A 1 4 ? 0.445  1.579  -0.148 1.00 44.44 ? 4 VAL A N    3  
ATOM 181 C CA   . VAL A 1 4 ? 1.649  1.351  -0.938 1.00 4.51  ? 4 VAL A CA   3  
ATOM 182 C C    . VAL A 1 4 ? 2.569  0.343  -0.259 1.00 42.10 ? 4 VAL A C    3  
ATOM 183 O O    . VAL A 1 4 ? 3.489  0.718  0.468  1.00 75.32 ? 4 VAL A O    3  
ATOM 184 C CB   . VAL A 1 4 ? 2.424  2.661  -1.172 1.00 10.41 ? 4 VAL A CB   3  
ATOM 185 C CG1  . VAL A 1 4 ? 3.675  2.401  -1.997 1.00 13.23 ? 4 VAL A CG1  3  
ATOM 186 C CG2  . VAL A 1 4 ? 1.534  3.692  -1.849 1.00 71.20 ? 4 VAL A CG2  3  
ATOM 187 H H    . VAL A 1 4 ? 0.519  2.039  0.714  1.00 5.43  ? 4 VAL A H    3  
ATOM 188 H HA   . VAL A 1 4 ? 1.349  0.958  -1.899 1.00 11.11 ? 4 VAL A HA   3  
ATOM 189 H HB   . VAL A 1 4 ? 2.727  3.052  -0.212 1.00 64.01 ? 4 VAL A HB   3  
ATOM 190 H HG11 . VAL A 1 4 ? 4.480  2.094  -1.344 1.00 70.11 ? 4 VAL A HG11 3  
ATOM 191 H HG12 . VAL A 1 4 ? 3.478  1.621  -2.717 1.00 74.31 ? 4 VAL A HG12 3  
ATOM 192 H HG13 . VAL A 1 4 ? 3.959  3.306  -2.515 1.00 65.32 ? 4 VAL A HG13 3  
ATOM 193 H HG21 . VAL A 1 4 ? 1.993  4.013  -2.772 1.00 13.25 ? 4 VAL A HG21 3  
ATOM 194 H HG22 . VAL A 1 4 ? 0.570  3.253  -2.061 1.00 4.01  ? 4 VAL A HG22 3  
ATOM 195 H HG23 . VAL A 1 4 ? 1.407  4.542  -1.196 1.00 73.43 ? 4 VAL A HG23 3  
ATOM 196 N N    . PRO A 1 1 ? 2.487  -1.174 -0.208 1.00 1.21  ? 1 PRO A N    4  
ATOM 197 C CA   . PRO A 1 1 ? 1.417  -1.843 -0.954 1.00 2.43  ? 1 PRO A CA   4  
ATOM 198 C C    . PRO A 1 1 ? 0.073  -1.761 -0.240 1.00 75.24 ? 1 PRO A C    4  
ATOM 199 O O    . PRO A 1 1 ? -0.922 -2.323 -0.700 1.00 12.33 ? 1 PRO A O    4  
ATOM 200 C CB   . PRO A 1 1 ? 1.893  -3.296 -1.030 1.00 60.13 ? 1 PRO A CB   4  
ATOM 201 C CG   . PRO A 1 1 ? 2.792  -3.463 0.146  1.00 72.33 ? 1 PRO A CG   4  
ATOM 202 C CD   . PRO A 1 1 ? 3.458  -2.130 0.350  1.00 42.42 ? 1 PRO A CD   4  
ATOM 203 H HA   . PRO A 1 1 ? 1.318  -1.442 -1.953 1.00 5.02  ? 1 PRO A HA   4  
ATOM 204 H HB2  . PRO A 1 1 ? 1.042  -3.961 -0.975 1.00 33.30 ? 1 PRO A HB2  4  
ATOM 205 H HB3  . PRO A 1 1 ? 2.423  -3.458 -1.957 1.00 13.21 ? 1 PRO A HB3  4  
ATOM 206 H HG2  . PRO A 1 1 ? 2.212  -3.728 1.017  1.00 42.31 ? 1 PRO A HG2  4  
ATOM 207 H HG3  . PRO A 1 1 ? 3.531  -4.223 -0.061 1.00 75.42 ? 1 PRO A HG3  4  
ATOM 208 H HD2  . PRO A 1 1 ? 3.620  -1.945 1.402  1.00 71.05 ? 1 PRO A HD2  4  
ATOM 209 H HD3  . PRO A 1 1 ? 4.392  -2.089 -0.190 1.00 61.00 ? 1 PRO A HD3  4  
ATOM 210 N N    . TYR A 1 2 ? 0.049  -1.055 0.885  1.00 63.21 ? 2 TYR A N    4  
ATOM 211 C CA   . TYR A 1 2 ? -1.175 -0.900 1.664  1.00 4.32  ? 2 TYR A CA   4  
ATOM 212 C C    . TYR A 1 2 ? -1.163 0.413  2.441  1.00 11.54 ? 2 TYR A C    4  
ATOM 213 O O    . TYR A 1 2 ? -0.835 0.460  3.627  1.00 2.53  ? 2 TYR A O    4  
ATOM 214 C CB   . TYR A 1 2 ? -1.342 -2.076 2.629  1.00 15.00 ? 2 TYR A CB   4  
ATOM 215 C CG   . TYR A 1 2 ? -2.781 -2.353 3.002  1.00 53.33 ? 2 TYR A CG   4  
ATOM 216 C CD1  . TYR A 1 2 ? -3.372 -3.575 2.705  1.00 22.32 ? 2 TYR A CD1  4  
ATOM 217 C CD2  . TYR A 1 2 ? -3.548 -1.393 3.649  1.00 64.31 ? 2 TYR A CD2  4  
ATOM 218 C CE1  . TYR A 1 2 ? -4.686 -3.833 3.043  1.00 72.31 ? 2 TYR A CE1  4  
ATOM 219 C CE2  . TYR A 1 2 ? -4.863 -1.642 3.992  1.00 64.22 ? 2 TYR A CE2  4  
ATOM 220 C CZ   . TYR A 1 2 ? -5.428 -2.863 3.687  1.00 45.41 ? 2 TYR A CZ   4  
ATOM 221 O OH   . TYR A 1 2 ? -6.738 -3.117 4.025  1.00 14.35 ? 2 TYR A OH   4  
ATOM 222 H H    . TYR A 1 2 ? 0.873  -0.630 1.202  1.00 41.41 ? 2 TYR A H    4  
ATOM 223 H HA   . TYR A 1 2 ? -2.008 -0.891 0.976  1.00 11.45 ? 2 TYR A HA   4  
ATOM 224 H HB2  . TYR A 1 2 ? -0.940 -2.966 2.173  1.00 23.21 ? 2 TYR A HB2  4  
ATOM 225 H HB3  . TYR A 1 2 ? -0.798 -1.865 3.539  1.00 32.12 ? 2 TYR A HB3  4  
ATOM 226 H HD1  . TYR A 1 2 ? -2.788 -4.331 2.202  1.00 23.13 ? 2 TYR A HD1  4  
ATOM 227 H HD2  . TYR A 1 2 ? -3.104 -0.438 3.888  1.00 35.03 ? 2 TYR A HD2  4  
ATOM 228 H HE1  . TYR A 1 2 ? -5.129 -4.788 2.803  1.00 23.44 ? 2 TYR A HE1  4  
ATOM 229 H HE2  . TYR A 1 2 ? -5.445 -0.885 4.496  1.00 53.52 ? 2 TYR A HE2  4  
ATOM 230 H HH   . TYR A 1 2 ? -7.305 -2.448 3.632  1.00 23.25 ? 2 TYR A HH   4  
ATOM 231 N N    . PRO A 1 3 ? -1.530 1.507  1.758  1.00 43.24 ? 3 PRO A N    4  
ATOM 232 C CA   . PRO A 1 3 ? -1.922 1.463  0.345  1.00 21.32 ? 3 PRO A CA   4  
ATOM 233 C C    . PRO A 1 3 ? -0.743 1.165  -0.574 1.00 3.52  ? 3 PRO A C    4  
ATOM 234 O O    . PRO A 1 3 ? -0.911 0.581  -1.645 1.00 1.22  ? 3 PRO A O    4  
ATOM 235 C CB   . PRO A 1 3 ? -2.462 2.872  0.084  1.00 2.44  ? 3 PRO A CB   4  
ATOM 236 C CG   . PRO A 1 3 ? -1.780 3.732  1.092  1.00 45.43 ? 3 PRO A CG   4  
ATOM 237 C CD   . PRO A 1 3 ? -1.590 2.870  2.310  1.00 74.12 ? 3 PRO A CD   4  
ATOM 238 H HA   . PRO A 1 3 ? -2.704 0.739  0.173  1.00 1.13  ? 3 PRO A HA   4  
ATOM 239 H HB2  . PRO A 1 3 ? -2.214 3.172  -0.925 1.00 32.13 ? 3 PRO A HB2  4  
ATOM 240 H HB3  . PRO A 1 3 ? -3.533 2.882  0.216  1.00 25.11 ? 3 PRO A HB3  4  
ATOM 241 H HG2  . PRO A 1 3 ? -0.825 4.058  0.710  1.00 22.23 ? 3 PRO A HG2  4  
ATOM 242 H HG3  . PRO A 1 3 ? -2.403 4.582  1.328  1.00 1.44  ? 3 PRO A HG3  4  
ATOM 243 H HD2  . PRO A 1 3 ? -0.668 3.124  2.812  1.00 53.13 ? 3 PRO A HD2  4  
ATOM 244 H HD3  . PRO A 1 3 ? -2.430 2.977  2.982  1.00 3.30  ? 3 PRO A HD3  4  
ATOM 245 N N    . VAL A 1 4 ? 0.451  1.568  -0.150 1.00 71.31 ? 4 VAL A N    4  
ATOM 246 C CA   . VAL A 1 4 ? 1.658  1.342  -0.935 1.00 40.23 ? 4 VAL A CA   4  
ATOM 247 C C    . VAL A 1 4 ? 2.578  0.337  -0.251 1.00 74.31 ? 4 VAL A C    4  
ATOM 248 O O    . VAL A 1 4 ? 3.494  0.716  0.478  1.00 13.25 ? 4 VAL A O    4  
ATOM 249 C CB   . VAL A 1 4 ? 2.430  2.654  -1.166 1.00 53.44 ? 4 VAL A CB   4  
ATOM 250 C CG1  . VAL A 1 4 ? 3.624  2.417  -2.079 1.00 54.50 ? 4 VAL A CG1  4  
ATOM 251 C CG2  . VAL A 1 4 ? 1.510  3.719  -1.745 1.00 34.42 ? 4 VAL A CG2  4  
ATOM 252 H H    . VAL A 1 4 ? 0.520  2.029  0.713  1.00 41.31 ? 4 VAL A H    4  
ATOM 253 H HA   . VAL A 1 4 ? 1.362  0.949  -1.897 1.00 42.10 ? 4 VAL A HA   4  
ATOM 254 H HB   . VAL A 1 4 ? 2.798  3.005  -0.214 1.00 31.11 ? 4 VAL A HB   4  
ATOM 255 H HG11 . VAL A 1 4 ? 4.450  2.037  -1.498 1.00 1.55  ? 4 VAL A HG11 4  
ATOM 256 H HG12 . VAL A 1 4 ? 3.357  1.700  -2.842 1.00 50.50 ? 4 VAL A HG12 4  
ATOM 257 H HG13 . VAL A 1 4 ? 3.911  3.349  -2.545 1.00 11.23 ? 4 VAL A HG13 4  
ATOM 258 H HG21 . VAL A 1 4 ? 2.052  4.648  -1.843 1.00 30.34 ? 4 VAL A HG21 4  
ATOM 259 H HG22 . VAL A 1 4 ? 1.159  3.404  -2.717 1.00 23.41 ? 4 VAL A HG22 4  
ATOM 260 H HG23 . VAL A 1 4 ? 0.666  3.862  -1.087 1.00 21.35 ? 4 VAL A HG23 4  
ATOM 261 N N    . PRO A 1 1 ? 2.556  -1.133 -0.103 1.00 44.23 ? 1 PRO A N    5  
ATOM 262 C CA   . PRO A 1 1 ? 1.554  -1.854 -0.895 1.00 10.11 ? 1 PRO A CA   5  
ATOM 263 C C    . PRO A 1 1 ? 0.168  -1.802 -0.262 1.00 21.11 ? 1 PRO A C    5  
ATOM 264 O O    . PRO A 1 1 ? -0.778 -2.407 -0.767 1.00 65.44 ? 1 PRO A O    5  
ATOM 265 C CB   . PRO A 1 1 ? 2.082  -3.290 -0.912 1.00 61.33 ? 1 PRO A CB   5  
ATOM 266 C CG   . PRO A 1 1 ? 2.915  -3.403 0.317  1.00 75.21 ? 1 PRO A CG   5  
ATOM 267 C CD   . PRO A 1 1 ? 3.524  -2.044 0.531  1.00 73.24 ? 1 PRO A CD   5  
ATOM 268 H HA   . PRO A 1 1 ? 1.501  -1.476 -1.906 1.00 62.12 ? 1 PRO A HA   5  
ATOM 269 H HB2  . PRO A 1 1 ? 1.251  -3.982 -0.892 1.00 63.03 ? 1 PRO A HB2  5  
ATOM 270 H HB3  . PRO A 1 1 ? 2.670  -3.452 -1.804 1.00 31.33 ? 1 PRO A HB3  5  
ATOM 271 H HG2  . PRO A 1 1 ? 2.294  -3.672 1.158  1.00 74.11 ? 1 PRO A HG2  5  
ATOM 272 H HG3  . PRO A 1 1 ? 3.689  -4.141 0.170  1.00 12.44 ? 1 PRO A HG3  5  
ATOM 273 H HD2  . PRO A 1 1 ? 3.617  -1.834 1.586  1.00 54.33 ? 1 PRO A HD2  5  
ATOM 274 H HD3  . PRO A 1 1 ? 4.486  -1.981 0.044  1.00 20.21 ? 1 PRO A HD3  5  
ATOM 275 N N    . TYR A 1 2 ? 0.055  -1.077 0.844  1.00 31.34 ? 2 TYR A N    5  
ATOM 276 C CA   . TYR A 1 2 ? -1.216 -0.949 1.548  1.00 21.31 ? 2 TYR A CA   5  
ATOM 277 C C    . TYR A 1 2 ? -1.293 0.378  2.297  1.00 53.34 ? 2 TYR A C    5  
ATOM 278 O O    . TYR A 1 2 ? -1.037 0.458  3.499  1.00 52.52 ? 2 TYR A O    5  
ATOM 279 C CB   . TYR A 1 2 ? -1.401 -2.111 2.525  1.00 32.43 ? 2 TYR A CB   5  
ATOM 280 C CG   . TYR A 1 2 ? -2.833 -2.302 2.974  1.00 34.24 ? 2 TYR A CG   5  
ATOM 281 C CD1  . TYR A 1 2 ? -3.868 -2.372 2.051  1.00 14.23 ? 2 TYR A CD1  5  
ATOM 282 C CD2  . TYR A 1 2 ? -3.149 -2.414 4.324  1.00 52.53 ? 2 TYR A CD2  5  
ATOM 283 C CE1  . TYR A 1 2 ? -5.177 -2.545 2.457  1.00 44.32 ? 2 TYR A CE1  5  
ATOM 284 C CE2  . TYR A 1 2 ? -4.455 -2.589 4.738  1.00 64.10 ? 2 TYR A CE2  5  
ATOM 285 C CZ   . TYR A 1 2 ? -5.465 -2.654 3.801  1.00 24.12 ? 2 TYR A CZ   5  
ATOM 286 O OH   . TYR A 1 2 ? -6.768 -2.829 4.209  1.00 32.14 ? 2 TYR A OH   5  
ATOM 287 H H    . TYR A 1 2 ? 0.845  -0.619 1.199  1.00 34.30 ? 2 TYR A H    5  
ATOM 288 H HA   . TYR A 1 2 ? -2.007 -0.981 0.812  1.00 34.41 ? 2 TYR A HA   5  
ATOM 289 H HB2  . TYR A 1 2 ? -1.077 -3.025 2.054  1.00 64.13 ? 2 TYR A HB2  5  
ATOM 290 H HB3  . TYR A 1 2 ? -0.799 -1.932 3.405  1.00 40.11 ? 2 TYR A HB3  5  
ATOM 291 H HD1  . TYR A 1 2 ? -3.639 -2.286 0.999  1.00 4.21  ? 2 TYR A HD1  5  
ATOM 292 H HD2  . TYR A 1 2 ? -2.355 -2.364 5.055  1.00 74.23 ? 2 TYR A HD2  5  
ATOM 293 H HE1  . TYR A 1 2 ? -5.968 -2.596 1.724  1.00 71.14 ? 2 TYR A HE1  5  
ATOM 294 H HE2  . TYR A 1 2 ? -4.681 -2.674 5.791  1.00 44.52 ? 2 TYR A HE2  5  
ATOM 295 H HH   . TYR A 1 2 ? -6.787 -2.994 5.155  1.00 12.05 ? 2 TYR A HH   5  
ATOM 296 N N    . PRO A 1 3 ? -1.654 1.446  1.570  1.00 61.45 ? 3 PRO A N    5  
ATOM 297 C CA   . PRO A 1 3 ? -1.962 1.362  0.139  1.00 33.11 ? 3 PRO A CA   5  
ATOM 298 C C    . PRO A 1 3 ? -0.722 1.086  -0.704 1.00 73.11 ? 3 PRO A C    5  
ATOM 299 O O    . PRO A 1 3 ? -0.806 0.477  -1.771 1.00 70.34 ? 3 PRO A O    5  
ATOM 300 C CB   . PRO A 1 3 ? -2.530 2.746  -0.183 1.00 74.22 ? 3 PRO A CB   5  
ATOM 301 C CG   . PRO A 1 3 ? -1.939 3.648  0.846  1.00 5.45  ? 3 PRO A CG   5  
ATOM 302 C CD   . PRO A 1 3 ? -1.792 2.816  2.090  1.00 34.20 ? 3 PRO A CD   5  
ATOM 303 H HA   . PRO A 1 3 ? -2.709 0.609  -0.063 1.00 43.40 ? 3 PRO A HA   5  
ATOM 304 H HB2  . PRO A 1 3 ? -2.234 3.037  -1.181 1.00 52.23 ? 3 PRO A HB2  5  
ATOM 305 H HB3  . PRO A 1 3 ? -3.607 2.723  -0.113 1.00 24.12 ? 3 PRO A HB3  5  
ATOM 306 H HG2  . PRO A 1 3 ? -0.974 3.999  0.514  1.00 13.54 ? 3 PRO A HG2  5  
ATOM 307 H HG3  . PRO A 1 3 ? -2.601 4.481  1.028  1.00 55.11 ? 3 PRO A HG3  5  
ATOM 308 H HD2  . PRO A 1 3 ? -0.911 3.111  2.639  1.00 3.41  ? 3 PRO A HD2  5  
ATOM 309 H HD3  . PRO A 1 3 ? -2.673 2.907  2.709  1.00 22.14 ? 3 PRO A HD3  5  
ATOM 310 N N    . VAL A 1 4 ? 0.431  1.539  -0.220 1.00 40.20 ? 4 VAL A N    5  
ATOM 311 C CA   . VAL A 1 4 ? 1.689  1.338  -0.929 1.00 14.20 ? 4 VAL A CA   5  
ATOM 312 C C    . VAL A 1 4 ? 2.600  0.380  -0.172 1.00 22.53 ? 4 VAL A C    5  
ATOM 313 O O    . VAL A 1 4 ? 3.458  0.803  0.603  1.00 13.44 ? 4 VAL A O    5  
ATOM 314 C CB   . VAL A 1 4 ? 2.430  2.672  -1.143 1.00 0.45  ? 4 VAL A CB   5  
ATOM 315 C CG1  . VAL A 1 4 ? 3.671  2.461  -1.997 1.00 14.13 ? 4 VAL A CG1  5  
ATOM 316 C CG2  . VAL A 1 4 ? 1.505  3.700  -1.777 1.00 1.12  ? 4 VAL A CG2  5  
ATOM 317 H H    . VAL A 1 4 ? 0.435  2.017  0.636  1.00 60.05 ? 4 VAL A H    5  
ATOM 318 H HA   . VAL A 1 4 ? 1.463  0.917  -1.898 1.00 22.15 ? 4 VAL A HA   5  
ATOM 319 H HB   . VAL A 1 4 ? 2.742  3.046  -0.179 1.00 2.12  ? 4 VAL A HB   5  
ATOM 320 H HG11 . VAL A 1 4 ? 4.293  3.344  -1.951 1.00 43.14 ? 4 VAL A HG11 5  
ATOM 321 H HG12 . VAL A 1 4 ? 4.224  1.611  -1.626 1.00 61.34 ? 4 VAL A HG12 5  
ATOM 322 H HG13 . VAL A 1 4 ? 3.377  2.282  -3.020 1.00 42.41 ? 4 VAL A HG13 5  
ATOM 323 H HG21 . VAL A 1 4 ? 0.951  4.210  -1.003 1.00 63.43 ? 4 VAL A HG21 5  
ATOM 324 H HG22 . VAL A 1 4 ? 2.090  4.417  -2.333 1.00 53.41 ? 4 VAL A HG22 5  
ATOM 325 H HG23 . VAL A 1 4 ? 0.817  3.202  -2.444 1.00 63.23 ? 4 VAL A HG23 5  
ATOM 326 N N    . PRO A 1 1 ? 2.494  -1.157 -0.137 1.00 24.33 ? 1 PRO A N    6  
ATOM 327 C CA   . PRO A 1 1 ? 1.436  -1.858 -0.870 1.00 15.10 ? 1 PRO A CA   6  
ATOM 328 C C    . PRO A 1 1 ? 0.083  -1.756 -0.175 1.00 2.00  ? 1 PRO A C    6  
ATOM 329 O O    . PRO A 1 1 ? -0.903 -2.339 -0.627 1.00 32.12 ? 1 PRO A O    6  
ATOM 330 C CB   . PRO A 1 1 ? 1.920  -3.310 -0.889 1.00 44.11 ? 1 PRO A CB   6  
ATOM 331 C CG   . PRO A 1 1 ? 2.806  -3.430 0.303  1.00 73.04 ? 1 PRO A CG   6  
ATOM 332 C CD   . PRO A 1 1 ? 3.463  -2.087 0.467  1.00 42.40 ? 1 PRO A CD   6  
ATOM 333 H HA   . PRO A 1 1 ? 1.347  -1.493 -1.884 1.00 21.25 ? 1 PRO A HA   6  
ATOM 334 H HB2  . PRO A 1 1 ? 1.070  -3.976 -0.820 1.00 14.24 ? 1 PRO A HB2  6  
ATOM 335 H HB3  . PRO A 1 1 ? 2.461  -3.502 -1.803 1.00 52.02 ? 1 PRO A HB3  6  
ATOM 336 H HG2  . PRO A 1 1 ? 2.217  -3.668 1.175  1.00 30.32 ? 1 PRO A HG2  6  
ATOM 337 H HG3  . PRO A 1 1 ? 3.550  -4.193 0.132  1.00 43.44 ? 1 PRO A HG3  6  
ATOM 338 H HD2  . PRO A 1 1 ? 3.612  -1.865 1.513  1.00 53.24 ? 1 PRO A HD2  6  
ATOM 339 H HD3  . PRO A 1 1 ? 4.404  -2.061 -0.064 1.00 74.43 ? 1 PRO A HD3  6  
ATOM 340 N N    . TYR A 1 2 ? 0.043  -1.013 0.925  1.00 71.21 ? 2 TYR A N    6  
ATOM 341 C CA   . TYR A 1 2 ? -1.190 -0.836 1.684  1.00 13.32 ? 2 TYR A CA   6  
ATOM 342 C C    . TYR A 1 2 ? -1.193 0.504  2.414  1.00 24.21 ? 2 TYR A C    6  
ATOM 343 O O    . TYR A 1 2 ? -0.879 0.593  3.602  1.00 43.14 ? 2 TYR A O    6  
ATOM 344 C CB   . TYR A 1 2 ? -1.364 -1.977 2.687  1.00 30.13 ? 2 TYR A CB   6  
ATOM 345 C CG   . TYR A 1 2 ? -2.808 -2.273 3.024  1.00 10.12 ? 2 TYR A CG   6  
ATOM 346 C CD1  . TYR A 1 2 ? -3.718 -2.614 2.030  1.00 73.31 ? 2 TYR A CD1  6  
ATOM 347 C CD2  . TYR A 1 2 ? -3.262 -2.212 4.336  1.00 41.43 ? 2 TYR A CD2  6  
ATOM 348 C CE1  . TYR A 1 2 ? -5.038 -2.884 2.334  1.00 73.34 ? 2 TYR A CE1  6  
ATOM 349 C CE2  . TYR A 1 2 ? -4.580 -2.482 4.648  1.00 61.04 ? 2 TYR A CE2  6  
ATOM 350 C CZ   . TYR A 1 2 ? -5.465 -2.817 3.644  1.00 13.21 ? 2 TYR A CZ   6  
ATOM 351 O OH   . TYR A 1 2 ? -6.779 -3.086 3.951  1.00 40.45 ? 2 TYR A OH   6  
ATOM 352 H H    . TYR A 1 2 ? 0.862  -0.573 1.235  1.00 32.43 ? 2 TYR A H    6  
ATOM 353 H HA   . TYR A 1 2 ? -2.014 -0.855 0.986  1.00 34.01 ? 2 TYR A HA   6  
ATOM 354 H HB2  . TYR A 1 2 ? -0.929 -2.876 2.278  1.00 25.31 ? 2 TYR A HB2  6  
ATOM 355 H HB3  . TYR A 1 2 ? -0.854 -1.722 3.604  1.00 62.51 ? 2 TYR A HB3  6  
ATOM 356 H HD1  . TYR A 1 2 ? -3.380 -2.666 1.005  1.00 72.40 ? 2 TYR A HD1  6  
ATOM 357 H HD2  . TYR A 1 2 ? -2.567 -1.950 5.120  1.00 51.13 ? 2 TYR A HD2  6  
ATOM 358 H HE1  . TYR A 1 2 ? -5.730 -3.146 1.548  1.00 62.33 ? 2 TYR A HE1  6  
ATOM 359 H HE2  . TYR A 1 2 ? -4.915 -2.429 5.674  1.00 4.42  ? 2 TYR A HE2  6  
ATOM 360 H HH   . TYR A 1 2 ? -6.865 -4.006 4.210  1.00 12.14 ? 2 TYR A HH   6  
ATOM 361 N N    . PRO A 1 3 ? -1.556 1.571  1.688  1.00 33.32 ? 3 PRO A N    6  
ATOM 362 C CA   . PRO A 1 3 ? -1.932 1.477  0.275  1.00 0.45  ? 3 PRO A CA   6  
ATOM 363 C C    . PRO A 1 3 ? -0.741 1.152  -0.620 1.00 2.35  ? 3 PRO A C    6  
ATOM 364 O O    . PRO A 1 3 ? -0.892 0.530  -1.672 1.00 33.14 ? 3 PRO A O    6  
ATOM 365 C CB   . PRO A 1 3 ? -2.473 2.873  -0.043 1.00 54.10 ? 3 PRO A CB   6  
ATOM 366 C CG   . PRO A 1 3 ? -1.808 3.770  0.943  1.00 33.42 ? 3 PRO A CG   6  
ATOM 367 C CD   . PRO A 1 3 ? -1.629 2.952  2.193  1.00 14.52 ? 3 PRO A CD   6  
ATOM 368 H HA   . PRO A 1 3 ? -2.708 0.744  0.119  1.00 45.24 ? 3 PRO A HA   6  
ATOM 369 H HB2  . PRO A 1 3 ? -2.214 3.140  -1.058 1.00 52.03 ? 3 PRO A HB2  6  
ATOM 370 H HB3  . PRO A 1 3 ? -3.546 2.883  0.077  1.00 43.22 ? 3 PRO A HB3  6  
ATOM 371 H HG2  . PRO A 1 3 ? -0.849 4.087  0.562  1.00 15.12 ? 3 PRO A HG2  6  
ATOM 372 H HG3  . PRO A 1 3 ? -2.436 4.626  1.143  1.00 51.21 ? 3 PRO A HG3  6  
ATOM 373 H HD2  . PRO A 1 3 ? -0.714 3.229  2.696  1.00 23.40 ? 3 PRO A HD2  6  
ATOM 374 H HD3  . PRO A 1 3 ? -2.476 3.079  2.850  1.00 22.41 ? 3 PRO A HD3  6  
ATOM 375 N N    . VAL A 1 4 ? 0.446  1.575  -0.196 1.00 10.13 ? 4 VAL A N    6  
ATOM 376 C CA   . VAL A 1 4 ? 1.664  1.327  -0.959 1.00 74.10 ? 4 VAL A CA   6  
ATOM 377 C C    . VAL A 1 4 ? 2.580  0.352  -0.229 1.00 15.45 ? 4 VAL A C    6  
ATOM 378 O O    . VAL A 1 4 ? 3.486  0.761  0.498  1.00 60.41 ? 4 VAL A O    6  
ATOM 379 C CB   . VAL A 1 4 ? 2.434  2.635  -1.228 1.00 71.13 ? 4 VAL A CB   6  
ATOM 380 C CG1  . VAL A 1 4 ? 3.648  2.369  -2.106 1.00 61.55 ? 4 VAL A CG1  6  
ATOM 381 C CG2  . VAL A 1 4 ? 1.519  3.669  -1.867 1.00 60.13 ? 4 VAL A CG2  6  
ATOM 382 H H    . VAL A 1 4 ? 0.504  2.066  0.650  1.00 12.44 ? 4 VAL A H    6  
ATOM 383 H HA   . VAL A 1 4 ? 1.382  0.898  -1.909 1.00 53.04 ? 4 VAL A HA   6  
ATOM 384 H HB   . VAL A 1 4 ? 2.779  3.027  -0.283 1.00 22.45 ? 4 VAL A HB   6  
ATOM 385 H HG11 . VAL A 1 4 ? 4.516  2.218  -1.482 1.00 4.32  ? 4 VAL A HG11 6  
ATOM 386 H HG12 . VAL A 1 4 ? 3.473  1.486  -2.703 1.00 13.41 ? 4 VAL A HG12 6  
ATOM 387 H HG13 . VAL A 1 4 ? 3.814  3.216  -2.755 1.00 31.31 ? 4 VAL A HG13 6  
ATOM 388 H HG21 . VAL A 1 4 ? 1.077  4.281  -1.097 1.00 74.43 ? 4 VAL A HG21 6  
ATOM 389 H HG22 . VAL A 1 4 ? 2.093  4.292  -2.537 1.00 40.11 ? 4 VAL A HG22 6  
ATOM 390 H HG23 . VAL A 1 4 ? 0.740  3.167  -2.421 1.00 43.40 ? 4 VAL A HG23 6  
ATOM 391 N N    . PRO A 1 1 ? 2.495  -1.171 -0.193 1.00 61.24 ? 1 PRO A N    7  
ATOM 392 C CA   . PRO A 1 1 ? 1.431  -1.854 -0.935 1.00 62.13 ? 1 PRO A CA   7  
ATOM 393 C C    . PRO A 1 1 ? 0.084  -1.770 -0.225 1.00 24.43 ? 1 PRO A C    7  
ATOM 394 O O    . PRO A 1 1 ? -0.906 -2.343 -0.681 1.00 41.33 ? 1 PRO A O    7  
ATOM 395 C CB   . PRO A 1 1 ? 1.915  -3.306 -0.994 1.00 74.40 ? 1 PRO A CB   7  
ATOM 396 C CG   . PRO A 1 1 ? 2.811  -3.454 0.187  1.00 31.14 ? 1 PRO A CG   7  
ATOM 397 C CD   . PRO A 1 1 ? 3.470  -2.116 0.378  1.00 70.50 ? 1 PRO A CD   7  
ATOM 398 H HA   . PRO A 1 1 ? 1.333  -1.465 -1.938 1.00 31.32 ? 1 PRO A HA   7  
ATOM 399 H HB2  . PRO A 1 1 ? 1.066  -3.974 -0.933 1.00 14.30 ? 1 PRO A HB2  7  
ATOM 400 H HB3  . PRO A 1 1 ? 2.447  -3.474 -1.918 1.00 20.14 ? 1 PRO A HB3  7  
ATOM 401 H HG2  . PRO A 1 1 ? 2.230  -3.714 1.059  1.00 0.42  ? 1 PRO A HG2  7  
ATOM 402 H HG3  . PRO A 1 1 ? 3.554  -4.213 -0.010 1.00 0.50  ? 1 PRO A HG3  7  
ATOM 403 H HD2  . PRO A 1 1 ? 3.628  -1.920 1.428  1.00 71.01 ? 1 PRO A HD2  7  
ATOM 404 H HD3  . PRO A 1 1 ? 4.405  -2.076 -0.160 1.00 15.05 ? 1 PRO A HD3  7  
ATOM 405 N N    . TYR A 1 2 ? 0.053  -1.054 0.893  1.00 5.52  ? 2 TYR A N    7  
ATOM 406 C CA   . TYR A 1 2 ? -1.173 -0.897 1.667  1.00 3.30  ? 2 TYR A CA   7  
ATOM 407 C C    . TYR A 1 2 ? -1.169 0.424  2.430  1.00 22.30 ? 2 TYR A C    7  
ATOM 408 O O    . TYR A 1 2 ? -0.846 0.484  3.617  1.00 10.13 ? 2 TYR A O    7  
ATOM 409 C CB   . TYR A 1 2 ? -1.338 -2.063 2.643  1.00 3.45  ? 2 TYR A CB   7  
ATOM 410 C CG   . TYR A 1 2 ? -2.773 -2.330 3.031  1.00 63.14 ? 2 TYR A CG   7  
ATOM 411 C CD1  . TYR A 1 2 ? -3.520 -3.304 2.379  1.00 12.30 ? 2 TYR A CD1  7  
ATOM 412 C CD2  . TYR A 1 2 ? -3.385 -1.608 4.048  1.00 25.40 ? 2 TYR A CD2  7  
ATOM 413 C CE1  . TYR A 1 2 ? -4.833 -3.551 2.730  1.00 52.23 ? 2 TYR A CE1  7  
ATOM 414 C CE2  . TYR A 1 2 ? -4.697 -1.850 4.407  1.00 51.42 ? 2 TYR A CE2  7  
ATOM 415 C CZ   . TYR A 1 2 ? -5.418 -2.822 3.744  1.00 15.03 ? 2 TYR A CZ   7  
ATOM 416 O OH   . TYR A 1 2 ? -6.725 -3.065 4.097  1.00 75.45 ? 2 TYR A OH   7  
ATOM 417 H H    . TYR A 1 2 ? 0.875  -0.622 1.207  1.00 61.50 ? 2 TYR A H    7  
ATOM 418 H HA   . TYR A 1 2 ? -2.003 -0.899 0.976  1.00 31.31 ? 2 TYR A HA   7  
ATOM 419 H HB2  . TYR A 1 2 ? -0.944 -2.961 2.192  1.00 53.42 ? 2 TYR A HB2  7  
ATOM 420 H HB3  . TYR A 1 2 ? -0.784 -1.849 3.546  1.00 34.01 ? 2 TYR A HB3  7  
ATOM 421 H HD1  . TYR A 1 2 ? -3.060 -3.874 1.585  1.00 23.23 ? 2 TYR A HD1  7  
ATOM 422 H HD2  . TYR A 1 2 ? -2.818 -0.847 4.566  1.00 64.13 ? 2 TYR A HD2  7  
ATOM 423 H HE1  . TYR A 1 2 ? -5.398 -4.312 2.211  1.00 22.21 ? 2 TYR A HE1  7  
ATOM 424 H HE2  . TYR A 1 2 ? -5.155 -1.278 5.201  1.00 32.23 ? 2 TYR A HE2  7  
ATOM 425 H HH   . TYR A 1 2 ? -7.310 -2.640 3.465  1.00 73.40 ? 2 TYR A HH   7  
ATOM 426 N N    . PRO A 1 3 ? -1.540 1.508  1.734  1.00 75.30 ? 3 PRO A N    7  
ATOM 427 C CA   . PRO A 1 3 ? -1.927 1.449  0.322  1.00 44.12 ? 3 PRO A CA   7  
ATOM 428 C C    . PRO A 1 3 ? -0.745 1.147  -0.591 1.00 25.22 ? 3 PRO A C    7  
ATOM 429 O O    . PRO A 1 3 ? -0.906 0.551  -1.657 1.00 34.32 ? 3 PRO A O    7  
ATOM 430 C CB   . PRO A 1 3 ? -2.473 2.852  0.044  1.00 23.42 ? 3 PRO A CB   7  
ATOM 431 C CG   . PRO A 1 3 ? -1.799 3.725  1.046  1.00 71.21 ? 3 PRO A CG   7  
ATOM 432 C CD   . PRO A 1 3 ? -1.609 2.877  2.273  1.00 10.11 ? 3 PRO A CD   7  
ATOM 433 H HA   . PRO A 1 3 ? -2.706 0.719  0.155  1.00 3.44  ? 3 PRO A HA   7  
ATOM 434 H HB2  . PRO A 1 3 ? -2.224 3.144  -0.966 1.00 41.24 ? 3 PRO A HB2  7  
ATOM 435 H HB3  . PRO A 1 3 ? -3.545 2.858  0.173  1.00 53.21 ? 3 PRO A HB3  7  
ATOM 436 H HG2  . PRO A 1 3 ? -0.844 4.053  0.665  1.00 51.41 ? 3 PRO A HG2  7  
ATOM 437 H HG3  . PRO A 1 3 ? -2.426 4.576  1.272  1.00 42.43 ? 3 PRO A HG3  7  
ATOM 438 H HD2  . PRO A 1 3 ? -0.690 3.141  2.775  1.00 14.32 ? 3 PRO A HD2  7  
ATOM 439 H HD3  . PRO A 1 3 ? -2.451 2.987  2.941  1.00 3.10  ? 3 PRO A HD3  7  
ATOM 440 N N    . VAL A 1 4 ? 0.445  1.561  -0.167 1.00 11.51 ? 4 VAL A N    7  
ATOM 441 C CA   . VAL A 1 4 ? 1.656  1.333  -0.947 1.00 4.22  ? 4 VAL A CA   7  
ATOM 442 C C    . VAL A 1 4 ? 2.580  0.340  -0.250 1.00 60.22 ? 4 VAL A C    7  
ATOM 443 O O    . VAL A 1 4 ? 3.492  0.731  0.479  1.00 42.54 ? 4 VAL A O    7  
ATOM 444 C CB   . VAL A 1 4 ? 2.423  2.646  -1.190 1.00 52.14 ? 4 VAL A CB   7  
ATOM 445 C CG1  . VAL A 1 4 ? 3.607  2.410  -2.114 1.00 2.41  ? 4 VAL A CG1  7  
ATOM 446 C CG2  . VAL A 1 4 ? 1.494  3.707  -1.762 1.00 21.44 ? 4 VAL A CG2  7  
ATOM 447 H H    . VAL A 1 4 ? 0.511  2.031  0.690  1.00 63.40 ? 4 VAL A H    7  
ATOM 448 H HA   . VAL A 1 4 ? 1.365  0.927  -1.905 1.00 14.40 ? 4 VAL A HA   7  
ATOM 449 H HB   . VAL A 1 4 ? 2.800  3.000  -0.242 1.00 31.13 ? 4 VAL A HB   7  
ATOM 450 H HG11 . VAL A 1 4 ? 4.508  2.309  -1.526 1.00 21.03 ? 4 VAL A HG11 7  
ATOM 451 H HG12 . VAL A 1 4 ? 3.446  1.507  -2.685 1.00 71.32 ? 4 VAL A HG12 7  
ATOM 452 H HG13 . VAL A 1 4 ? 3.711  3.248  -2.788 1.00 53.23 ? 4 VAL A HG13 7  
ATOM 453 H HG21 . VAL A 1 4 ? 2.080  4.479  -2.236 1.00 51.03 ? 4 VAL A HG21 7  
ATOM 454 H HG22 . VAL A 1 4 ? 0.835  3.256  -2.489 1.00 1.52  ? 4 VAL A HG22 7  
ATOM 455 H HG23 . VAL A 1 4 ? 0.907  4.138  -0.964 1.00 14.42 ? 4 VAL A HG23 7  
ATOM 456 N N    . PRO A 1 1 ? 2.553  -1.136 -0.155 1.00 64.03 ? 1 PRO A N    8  
ATOM 457 C CA   . PRO A 1 1 ? 1.553  -1.833 -0.970 1.00 55.40 ? 1 PRO A CA   8  
ATOM 458 C C    . PRO A 1 1 ? 0.167  -1.806 -0.335 1.00 41.14 ? 1 PRO A C    8  
ATOM 459 O O    . PRO A 1 1 ? -0.779 -2.395 -0.860 1.00 1.55  ? 1 PRO A O    8  
ATOM 460 C CB   . PRO A 1 1 ? 2.084  -3.267 -1.035 1.00 55.34 ? 1 PRO A CB   8  
ATOM 461 C CG   . PRO A 1 1 ? 2.918  -3.418 0.189  1.00 74.30 ? 1 PRO A CG   8  
ATOM 462 C CD   . PRO A 1 1 ? 3.523  -2.066 0.447  1.00 20.22 ? 1 PRO A CD   8  
ATOM 463 H HA   . PRO A 1 1 ? 1.498  -1.421 -1.968 1.00 10.14 ? 1 PRO A HA   8  
ATOM 464 H HB2  . PRO A 1 1 ? 1.255  -3.960 -1.039 1.00 62.14 ? 1 PRO A HB2  8  
ATOM 465 H HB3  . PRO A 1 1 ? 2.672  -3.395 -1.932 1.00 24.44 ? 1 PRO A HB3  8  
ATOM 466 H HG2  . PRO A 1 1 ? 2.298  -3.716 1.021  1.00 21.21 ? 1 PRO A HG2  8  
ATOM 467 H HG3  . PRO A 1 1 ? 3.694  -4.149 0.017  1.00 51.02 ? 1 PRO A HG3  8  
ATOM 468 H HD2  . PRO A 1 1 ? 3.617  -1.891 1.509  1.00 34.42 ? 1 PRO A HD2  8  
ATOM 469 H HD3  . PRO A 1 1 ? 4.486  -1.985 -0.036 1.00 54.34 ? 1 PRO A HD3  8  
ATOM 470 N N    . TYR A 1 2 ? 0.052  -1.119 0.795  1.00 13.02 ? 2 TYR A N    8  
ATOM 471 C CA   . TYR A 1 2 ? -1.218 -1.017 1.503  1.00 23.31 ? 2 TYR A CA   8  
ATOM 472 C C    . TYR A 1 2 ? -1.299 0.283  2.296  1.00 13.15 ? 2 TYR A C    8  
ATOM 473 O O    . TYR A 1 2 ? -1.042 0.324  3.499  1.00 11.35 ? 2 TYR A O    8  
ATOM 474 C CB   . TYR A 1 2 ? -1.400 -2.212 2.442  1.00 70.11 ? 2 TYR A CB   8  
ATOM 475 C CG   . TYR A 1 2 ? -2.809 -2.356 2.972  1.00 52.52 ? 2 TYR A CG   8  
ATOM 476 C CD1  . TYR A 1 2 ? -3.807 -2.936 2.197  1.00 21.34 ? 2 TYR A CD1  8  
ATOM 477 C CD2  . TYR A 1 2 ? -3.143 -1.912 4.245  1.00 1.32  ? 2 TYR A CD2  8  
ATOM 478 C CE1  . TYR A 1 2 ? -5.096 -3.070 2.678  1.00 10.40 ? 2 TYR A CE1  8  
ATOM 479 C CE2  . TYR A 1 2 ? -4.428 -2.042 4.733  1.00 24.03 ? 2 TYR A CE2  8  
ATOM 480 C CZ   . TYR A 1 2 ? -5.401 -2.622 3.946  1.00 41.10 ? 2 TYR A CZ   8  
ATOM 481 O OH   . TYR A 1 2 ? -6.683 -2.753 4.427  1.00 30.43 ? 2 TYR A OH   8  
ATOM 482 H H    . TYR A 1 2 ? 0.842  -0.670 1.165  1.00 64.44 ? 2 TYR A H    8  
ATOM 483 H HA   . TYR A 1 2 ? -2.010 -1.026 0.768  1.00 4.33  ? 2 TYR A HA   8  
ATOM 484 H HB2  . TYR A 1 2 ? -1.151 -3.118 1.912  1.00 24.32 ? 2 TYR A HB2  8  
ATOM 485 H HB3  . TYR A 1 2 ? -0.737 -2.100 3.287  1.00 71.32 ? 2 TYR A HB3  8  
ATOM 486 H HD1  . TYR A 1 2 ? -3.565 -3.286 1.205  1.00 3.42  ? 2 TYR A HD1  8  
ATOM 487 H HD2  . TYR A 1 2 ? -2.378 -1.458 4.859  1.00 72.30 ? 2 TYR A HD2  8  
ATOM 488 H HE1  . TYR A 1 2 ? -5.857 -3.524 2.061  1.00 75.11 ? 2 TYR A HE1  8  
ATOM 489 H HE2  . TYR A 1 2 ? -4.667 -1.692 5.726  1.00 41.14 ? 2 TYR A HE2  8  
ATOM 490 H HH   . TYR A 1 2 ? -7.210 -2.003 4.141  1.00 65.43 ? 2 TYR A HH   8  
ATOM 491 N N    . PRO A 1 3 ? -1.663 1.374  1.606  1.00 61.04 ? 3 PRO A N    8  
ATOM 492 C CA   . PRO A 1 3 ? -1.971 1.338  0.173  1.00 70.32 ? 3 PRO A CA   8  
ATOM 493 C C    . PRO A 1 3 ? -0.731 1.094  -0.681 1.00 23.34 ? 3 PRO A C    8  
ATOM 494 O O    . PRO A 1 3 ? -0.815 0.520  -1.767 1.00 34.41 ? 3 PRO A O    8  
ATOM 495 C CB   . PRO A 1 3 ? -2.544 2.731  -0.102 1.00 2.43  ? 3 PRO A CB   8  
ATOM 496 C CG   . PRO A 1 3 ? -1.953 3.599  0.955  1.00 44.03 ? 3 PRO A CG   8  
ATOM 497 C CD   . PRO A 1 3 ? -1.805 2.726  2.171  1.00 12.33 ? 3 PRO A CD   8  
ATOM 498 H HA   . PRO A 1 3 ? -2.716 0.589  -0.055 1.00 33.44 ? 3 PRO A HA   8  
ATOM 499 H HB2  . PRO A 1 3 ? -2.249 3.054  -1.091 1.00 54.30 ? 3 PRO A HB2  8  
ATOM 500 H HB3  . PRO A 1 3 ? -3.620 2.701  -0.033 1.00 41.41 ? 3 PRO A HB3  8  
ATOM 501 H HG2  . PRO A 1 3 ? -0.989 3.964  0.635  1.00 42.24 ? 3 PRO A HG2  8  
ATOM 502 H HG3  . PRO A 1 3 ? -2.618 4.424  1.165  1.00 2.35  ? 3 PRO A HG3  8  
ATOM 503 H HD2  . PRO A 1 3 ? -0.923 3.005  2.729  1.00 12.13 ? 3 PRO A HD2  8  
ATOM 504 H HD3  . PRO A 1 3 ? -2.684 2.794  2.794  1.00 1.20  ? 3 PRO A HD3  8  
ATOM 505 N N    . VAL A 1 4 ? 0.421  1.532  -0.181 1.00 30.11 ? 4 VAL A N    8  
ATOM 506 C CA   . VAL A 1 4 ? 1.679  1.360  -0.896 1.00 42.55 ? 4 VAL A CA   8  
ATOM 507 C C    . VAL A 1 4 ? 2.593  0.378  -0.172 1.00 2.51  ? 4 VAL A C    8  
ATOM 508 O O    . VAL A 1 4 ? 3.451  0.778  0.614  1.00 63.00 ? 4 VAL A O    8  
ATOM 509 C CB   . VAL A 1 4 ? 2.417  2.701  -1.066 1.00 42.43 ? 4 VAL A CB   8  
ATOM 510 C CG1  . VAL A 1 4 ? 3.703  2.507  -1.856 1.00 61.43 ? 4 VAL A CG1  8  
ATOM 511 C CG2  . VAL A 1 4 ? 1.515  3.722  -1.743 1.00 44.23 ? 4 VAL A CG2  8  
ATOM 512 H H    . VAL A 1 4 ? 0.424  1.982  0.689  1.00 65.40 ? 4 VAL A H    8  
ATOM 513 H HA   . VAL A 1 4 ? 1.455  0.969  -1.879 1.00 61.44 ? 4 VAL A HA   8  
ATOM 514 H HB   . VAL A 1 4 ? 2.675  3.073  -0.087 1.00 34.33 ? 4 VAL A HB   8  
ATOM 515 H HG11 . VAL A 1 4 ? 3.464  2.178  -2.857 1.00 1.54  ? 4 VAL A HG11 8  
ATOM 516 H HG12 . VAL A 1 4 ? 4.242  3.442  -1.901 1.00 44.34 ? 4 VAL A HG12 8  
ATOM 517 H HG13 . VAL A 1 4 ? 4.315  1.762  -1.369 1.00 44.43 ? 4 VAL A HG13 8  
ATOM 518 H HG21 . VAL A 1 4 ? 0.556  3.737  -1.250 1.00 60.43 ? 4 VAL A HG21 8  
ATOM 519 H HG22 . VAL A 1 4 ? 1.968  4.701  -1.680 1.00 41.15 ? 4 VAL A HG22 8  
ATOM 520 H HG23 . VAL A 1 4 ? 1.383  3.454  -2.781 1.00 42.34 ? 4 VAL A HG23 8  
ATOM 521 N N    . PRO A 1 1 ? 2.496  -1.148 -0.161 1.00 4.02  ? 1 PRO A N    9  
ATOM 522 C CA   . PRO A 1 1 ? 1.445  -1.840 -0.913 1.00 4.14  ? 1 PRO A CA   9  
ATOM 523 C C    . PRO A 1 1 ? 0.087  -1.756 -0.224 1.00 1.30  ? 1 PRO A C    9  
ATOM 524 O O    . PRO A 1 1 ? -0.893 -2.335 -0.691 1.00 44.22 ? 1 PRO A O    9  
ATOM 525 C CB   . PRO A 1 1 ? 1.935  -3.291 -0.954 1.00 71.12 ? 1 PRO A CB   9  
ATOM 526 C CG   . PRO A 1 1 ? 2.814  -3.427 0.241  1.00 42.20 ? 1 PRO A CG   9  
ATOM 527 C CD   . PRO A 1 1 ? 3.465  -2.086 0.432  1.00 33.22 ? 1 PRO A CD   9  
ATOM 528 H HA   . PRO A 1 1 ? 1.362  -1.459 -1.920 1.00 62.20 ? 1 PRO A HA   9  
ATOM 529 H HB2  . PRO A 1 1 ? 1.088  -3.961 -0.901 1.00 40.44 ? 1 PRO A HB2  9  
ATOM 530 H HB3  . PRO A 1 1 ? 2.483  -3.464 -1.868 1.00 62.34 ? 1 PRO A HB3  9  
ATOM 531 H HG2  . PRO A 1 1 ? 2.221  -3.684 1.106  1.00 53.54 ? 1 PRO A HG2  9  
ATOM 532 H HG3  . PRO A 1 1 ? 3.563  -4.185 0.060  1.00 75.43 ? 1 PRO A HG3  9  
ATOM 533 H HD2  . PRO A 1 1 ? 3.606  -1.881 1.483  1.00 44.51 ? 1 PRO A HD2  9  
ATOM 534 H HD3  . PRO A 1 1 ? 4.409  -2.047 -0.093 1.00 34.22 ? 1 PRO A HD3  9  
ATOM 535 N N    . TYR A 1 2 ? 0.038  -1.032 0.888  1.00 51.14 ? 2 TYR A N    9  
ATOM 536 C CA   . TYR A 1 2 ? -1.200 -0.874 1.642  1.00 23.22 ? 2 TYR A CA   9  
ATOM 537 C C    . TYR A 1 2 ? -1.213 0.452  2.396  1.00 13.04 ? 2 TYR A C    9  
ATOM 538 O O    . TYR A 1 2 ? -0.906 0.522  3.587  1.00 14.01 ? 2 TYR A O    9  
ATOM 539 C CB   . TYR A 1 2 ? -1.375 -2.033 2.625  1.00 43.20 ? 2 TYR A CB   9  
ATOM 540 C CG   . TYR A 1 2 ? -2.815 -2.286 3.013  1.00 1.23  ? 2 TYR A CG   9  
ATOM 541 C CD1  . TYR A 1 2 ? -3.727 -2.781 2.090  1.00 40.20 ? 2 TYR A CD1  9  
ATOM 542 C CD2  . TYR A 1 2 ? -3.261 -2.030 4.303  1.00 25.43 ? 2 TYR A CD2  9  
ATOM 543 C CE1  . TYR A 1 2 ? -5.043 -3.013 2.439  1.00 34.13 ? 2 TYR A CE1  9  
ATOM 544 C CE2  . TYR A 1 2 ? -4.575 -2.261 4.663  1.00 54.13 ? 2 TYR A CE2  9  
ATOM 545 C CZ   . TYR A 1 2 ? -5.462 -2.751 3.728  1.00 50.53 ? 2 TYR A CZ   9  
ATOM 546 O OH   . TYR A 1 2 ? -6.772 -2.981 4.081  1.00 44.53 ? 2 TYR A OH   9  
ATOM 547 H H    . TYR A 1 2 ? 0.853  -0.595 1.210  1.00 33.54 ? 2 TYR A H    9  
ATOM 548 H HA   . TYR A 1 2 ? -2.020 -0.884 0.939  1.00 72.30 ? 2 TYR A HA   9  
ATOM 549 H HB2  . TYR A 1 2 ? -0.989 -2.936 2.177  1.00 72.42 ? 2 TYR A HB2  9  
ATOM 550 H HB3  . TYR A 1 2 ? -0.821 -1.819 3.527  1.00 34.11 ? 2 TYR A HB3  9  
ATOM 551 H HD1  . TYR A 1 2 ? -3.395 -2.985 1.082  1.00 40.01 ? 2 TYR A HD1  9  
ATOM 552 H HD2  . TYR A 1 2 ? -2.564 -1.646 5.033  1.00 20.42 ? 2 TYR A HD2  9  
ATOM 553 H HE1  . TYR A 1 2 ? -5.737 -3.398 1.707  1.00 75.34 ? 2 TYR A HE1  9  
ATOM 554 H HE2  . TYR A 1 2 ? -4.905 -2.056 5.670  1.00 31.24 ? 2 TYR A HE2  9  
ATOM 555 H HH   . TYR A 1 2 ? -6.927 -3.927 4.131  1.00 64.44 ? 2 TYR A HH   9  
ATOM 556 N N    . PRO A 1 3 ? -1.577 1.531  1.687  1.00 15.35 ? 3 PRO A N    9  
ATOM 557 C CA   . PRO A 1 3 ? -1.942 1.460  0.269  1.00 22.32 ? 3 PRO A CA   9  
ATOM 558 C C    . PRO A 1 3 ? -0.745 1.155  -0.624 1.00 31.33 ? 3 PRO A C    9  
ATOM 559 O O    . PRO A 1 3 ? -0.888 0.551  -1.687 1.00 70.15 ? 3 PRO A O    9  
ATOM 560 C CB   . PRO A 1 3 ? -2.488 2.859  -0.026 1.00 53.53 ? 3 PRO A CB   9  
ATOM 561 C CG   . PRO A 1 3 ? -1.832 3.742  0.978  1.00 73.25 ? 3 PRO A CG   9  
ATOM 562 C CD   . PRO A 1 3 ? -1.657 2.904  2.214  1.00 65.53 ? 3 PRO A CD   9  
ATOM 563 H HA   . PRO A 1 3 ? -2.716 0.726  0.095  1.00 34.24 ? 3 PRO A HA   9  
ATOM 564 H HB2  . PRO A 1 3 ? -2.225 3.145  -1.036 1.00 72.50 ? 3 PRO A HB2  9  
ATOM 565 H HB3  . PRO A 1 3 ? -3.561 2.863  0.086  1.00 64.33 ? 3 PRO A HB3  9  
ATOM 566 H HG2  . PRO A 1 3 ? -0.873 4.070  0.609  1.00 0.52  ? 3 PRO A HG2  9  
ATOM 567 H HG3  . PRO A 1 3 ? -2.466 4.592  1.189  1.00 10.32 ? 3 PRO A HG3  9  
ATOM 568 H HD2  . PRO A 1 3 ? -0.747 3.175  2.728  1.00 24.35 ? 3 PRO A HD2  9  
ATOM 569 H HD3  . PRO A 1 3 ? -2.510 3.015  2.869  1.00 2.43  ? 3 PRO A HD3  9  
ATOM 570 N N    . VAL A 1 4 ? 0.437  1.577  -0.185 1.00 11.41 ? 4 VAL A N    9  
ATOM 571 C CA   . VAL A 1 4 ? 1.661  1.347  -0.945 1.00 40.31 ? 4 VAL A CA   9  
ATOM 572 C C    . VAL A 1 4 ? 2.577  0.363  -0.226 1.00 43.34 ? 4 VAL A C    9  
ATOM 573 O O    . VAL A 1 4 ? 3.476  0.762  0.512  1.00 21.41 ? 4 VAL A O    9  
ATOM 574 C CB   . VAL A 1 4 ? 2.427  2.662  -1.186 1.00 44.34 ? 4 VAL A CB   9  
ATOM 575 C CG1  . VAL A 1 4 ? 3.713  2.397  -1.954 1.00 54.21 ? 4 VAL A CG1  9  
ATOM 576 C CG2  . VAL A 1 4 ? 1.550  3.660  -1.927 1.00 61.33 ? 4 VAL A CG2  9  
ATOM 577 H H    . VAL A 1 4 ? 0.488  2.053  0.669  1.00 22.54 ? 4 VAL A H    9  
ATOM 578 H HA   . VAL A 1 4 ? 1.385  0.934  -1.905 1.00 2.22  ? 4 VAL A HA   9  
ATOM 579 H HB   . VAL A 1 4 ? 2.686  3.085  -0.227 1.00 5.21  ? 4 VAL A HB   9  
ATOM 580 H HG11 . VAL A 1 4 ? 3.541  1.625  -2.688 1.00 44.42 ? 4 VAL A HG11 9  
ATOM 581 H HG12 . VAL A 1 4 ? 4.030  3.303  -2.450 1.00 71.31 ? 4 VAL A HG12 9  
ATOM 582 H HG13 . VAL A 1 4 ? 4.482  2.075  -1.267 1.00 64.11 ? 4 VAL A HG13 9  
ATOM 583 H HG21 . VAL A 1 4 ? 0.740  3.973  -1.285 1.00 25.02 ? 4 VAL A HG21 9  
ATOM 584 H HG22 . VAL A 1 4 ? 2.141  4.520  -2.207 1.00 72.54 ? 4 VAL A HG22 9  
ATOM 585 H HG23 . VAL A 1 4 ? 1.147  3.197  -2.815 1.00 42.42 ? 4 VAL A HG23 9  
ATOM 586 N N    . PRO A 1 1 ? 2.521  -1.131 -0.148 1.00 64.01 ? 1 PRO A N    10 
ATOM 587 C CA   . PRO A 1 1 ? 1.481  -1.849 -0.893 1.00 33.33 ? 1 PRO A CA   10 
ATOM 588 C C    . PRO A 1 1 ? 0.123  -1.781 -0.202 1.00 3.12  ? 1 PRO A C    10 
ATOM 589 O O    . PRO A 1 1 ? -0.849 -2.381 -0.662 1.00 52.21 ? 1 PRO A O    10 
ATOM 590 C CB   . PRO A 1 1 ? 1.996  -3.289 -0.921 1.00 64.21 ? 1 PRO A CB   10 
ATOM 591 C CG   . PRO A 1 1 ? 2.879  -3.400 0.274  1.00 43.22 ? 1 PRO A CG   10 
ATOM 592 C CD   . PRO A 1 1 ? 3.506  -2.045 0.451  1.00 4.15  ? 1 PRO A CD   10 
ATOM 593 H HA   . PRO A 1 1 ? 1.388  -1.478 -1.902 1.00 54.33 ? 1 PRO A HA   10 
ATOM 594 H HB2  . PRO A 1 1 ? 1.161  -3.974 -0.861 1.00 52.02 ? 1 PRO A HB2  10 
ATOM 595 H HB3  . PRO A 1 1 ? 2.544  -3.462 -1.835 1.00 54.01 ? 1 PRO A HB3  10 
ATOM 596 H HG2  . PRO A 1 1 ? 2.292  -3.658 1.142  1.00 53.14 ? 1 PRO A HG2  10 
ATOM 597 H HG3  . PRO A 1 1 ? 3.640  -4.146 0.099  1.00 14.54 ? 1 PRO A HG3  10 
ATOM 598 H HD2  . PRO A 1 1 ? 3.647  -1.828 1.499  1.00 62.43 ? 1 PRO A HD2  10 
ATOM 599 H HD3  . PRO A 1 1 ? 4.449  -1.994 -0.076 1.00 61.31 ? 1 PRO A HD3  10 
ATOM 600 N N    . TYR A 1 2 ? 0.063  -1.048 0.904  1.00 71.40 ? 2 TYR A N    10 
ATOM 601 C CA   . TYR A 1 2 ? -1.176 -0.904 1.659  1.00 34.32 ? 2 TYR A CA   10 
ATOM 602 C C    . TYR A 1 2 ? -1.211 0.429  2.401  1.00 12.52 ? 2 TYR A C    10 
ATOM 603 O O    . TYR A 1 2 ? -0.903 0.516  3.590  1.00 24.50 ? 2 TYR A O    10 
ATOM 604 C CB   . TYR A 1 2 ? -1.329 -2.057 2.653  1.00 62.30 ? 2 TYR A CB   10 
ATOM 605 C CG   . TYR A 1 2 ? -2.763 -2.337 3.039  1.00 64.23 ? 2 TYR A CG   10 
ATOM 606 C CD1  . TYR A 1 2 ? -3.686 -2.771 2.094  1.00 32.32 ? 2 TYR A CD1  10 
ATOM 607 C CD2  . TYR A 1 2 ? -3.197 -2.167 4.349  1.00 45.25 ? 2 TYR A CD2  10 
ATOM 608 C CE1  . TYR A 1 2 ? -4.999 -3.027 2.443  1.00 3.51  ? 2 TYR A CE1  10 
ATOM 609 C CE2  . TYR A 1 2 ? -4.507 -2.423 4.706  1.00 41.13 ? 2 TYR A CE2  10 
ATOM 610 C CZ   . TYR A 1 2 ? -5.404 -2.852 3.749  1.00 24.30 ? 2 TYR A CZ   10 
ATOM 611 O OH   . TYR A 1 2 ? -6.710 -3.106 4.102  1.00 43.51 ? 2 TYR A OH   10 
ATOM 612 H H    . TYR A 1 2 ? 0.871  -0.593 1.221  1.00 64.51 ? 2 TYR A H    10 
ATOM 613 H HA   . TYR A 1 2 ? -1.998 -0.935 0.958  1.00 12.04 ? 2 TYR A HA   10 
ATOM 614 H HB2  . TYR A 1 2 ? -0.923 -2.957 2.216  1.00 15.53 ? 2 TYR A HB2  10 
ATOM 615 H HB3  . TYR A 1 2 ? -0.783 -1.822 3.554  1.00 32.04 ? 2 TYR A HB3  10 
ATOM 616 H HD1  . TYR A 1 2 ? -3.366 -2.906 1.072  1.00 23.30 ? 2 TYR A HD1  10 
ATOM 617 H HD2  . TYR A 1 2 ? -2.492 -1.831 5.095  1.00 72.42 ? 2 TYR A HD2  10 
ATOM 618 H HE1  . TYR A 1 2 ? -5.701 -3.363 1.695  1.00 53.14 ? 2 TYR A HE1  10 
ATOM 619 H HE2  . TYR A 1 2 ? -4.825 -2.286 5.728  1.00 23.52 ? 2 TYR A HE2  10 
ATOM 620 H HH   . TYR A 1 2 ? -7.261 -2.364 3.843  1.00 0.43  ? 2 TYR A HH   10 
ATOM 621 N N    . PRO A 1 3 ? -1.595 1.494  1.683  1.00 12.22 ? 3 PRO A N    10 
ATOM 622 C CA   . PRO A 1 3 ? -1.962 1.404  0.267  1.00 51.03 ? 3 PRO A CA   10 
ATOM 623 C C    . PRO A 1 3 ? -0.761 1.111  -0.627 1.00 71.32 ? 3 PRO A C    10 
ATOM 624 O O    . PRO A 1 3 ? -0.897 0.496  -1.683 1.00 44.30 ? 3 PRO A O    10 
ATOM 625 C CB   . PRO A 1 3 ? -2.533 2.790  -0.042 1.00 62.52 ? 3 PRO A CB   10 
ATOM 626 C CG   . PRO A 1 3 ? -1.891 3.694  0.954  1.00 45.23 ? 3 PRO A CG   10 
ATOM 627 C CD   . PRO A 1 3 ? -1.699 2.870  2.197  1.00 12.23 ? 3 PRO A CD   10 
ATOM 628 H HA   . PRO A 1 3 ? -2.723 0.655  0.101  1.00 23.41 ? 3 PRO A HA   10 
ATOM 629 H HB2  . PRO A 1 3 ? -2.277 3.071  -1.054 1.00 64.43 ? 3 PRO A HB2  10 
ATOM 630 H HB3  . PRO A 1 3 ? -3.606 2.776  0.074  1.00 64.25 ? 3 PRO A HB3  10 
ATOM 631 H HG2  . PRO A 1 3 ? -0.938 4.035  0.579  1.00 1.02  ? 3 PRO A HG2  10 
ATOM 632 H HG3  . PRO A 1 3 ? -2.538 4.534  1.158  1.00 72.34 ? 3 PRO A HG3  10 
ATOM 633 H HD2  . PRO A 1 3 ? -0.792 3.161  2.707  1.00 15.31 ? 3 PRO A HD2  10 
ATOM 634 H HD3  . PRO A 1 3 ? -2.551 2.972  2.853  1.00 63.45 ? 3 PRO A HD3  10 
ATOM 635 N N    . VAL A 1 4 ? 0.414  1.557  -0.194 1.00 0.40  ? 4 VAL A N    10 
ATOM 636 C CA   . VAL A 1 4 ? 1.640  1.342  -0.954 1.00 51.15 ? 4 VAL A CA   10 
ATOM 637 C C    . VAL A 1 4 ? 2.574  0.381  -0.229 1.00 5.11  ? 4 VAL A C    10 
ATOM 638 O O    . VAL A 1 4 ? 3.468  0.803  0.504  1.00 22.33 ? 4 VAL A O    10 
ATOM 639 C CB   . VAL A 1 4 ? 2.381  2.667  -1.210 1.00 12.22 ? 4 VAL A CB   10 
ATOM 640 C CG1  . VAL A 1 4 ? 3.665  2.420  -1.988 1.00 44.01 ? 4 VAL A CG1  10 
ATOM 641 C CG2  . VAL A 1 4 ? 1.482  3.647  -1.947 1.00 54.44 ? 4 VAL A CG2  10 
ATOM 642 H H    . VAL A 1 4 ? 0.458  2.042  0.656  1.00 63.11 ? 4 VAL A H    10 
ATOM 643 H HA   . VAL A 1 4 ? 1.370  0.916  -1.910 1.00 63.54 ? 4 VAL A HA   10 
ATOM 644 H HB   . VAL A 1 4 ? 2.643  3.100  -0.256 1.00 60.41 ? 4 VAL A HB   10 
ATOM 645 H HG11 . VAL A 1 4 ? 3.862  3.262  -2.635 1.00 33.20 ? 4 VAL A HG11 10 
ATOM 646 H HG12 . VAL A 1 4 ? 4.486  2.295  -1.297 1.00 51.23 ? 4 VAL A HG12 10 
ATOM 647 H HG13 . VAL A 1 4 ? 3.556  1.526  -2.585 1.00 3.55  ? 4 VAL A HG13 10 
ATOM 648 H HG21 . VAL A 1 4 ? 0.858  4.168  -1.236 1.00 44.40 ? 4 VAL A HG21 10 
ATOM 649 H HG22 . VAL A 1 4 ? 2.090  4.363  -2.483 1.00 30.23 ? 4 VAL A HG22 10 
ATOM 650 H HG23 . VAL A 1 4 ? 0.860  3.110  -2.647 1.00 51.12 ? 4 VAL A HG23 10 
# 
